data_1SSU
#
_entry.id   1SSU
#
_entity_poly.entity_id   1
_entity_poly.type   'polypeptide(L)'
_entity_poly.pdbx_seq_one_letter_code
;DQESCKGRCTEGFNVDKKCQCDELCSYYQSCCTDYTAECKPQVTRGDVFTM
;
_entity_poly.pdbx_strand_id   A
#
# COMPACT_ATOMS: atom_id res chain seq x y z
N ASP A 1 8.19 -6.20 -18.23
CA ASP A 1 8.67 -5.48 -17.02
C ASP A 1 7.67 -5.63 -15.86
N GLN A 2 8.16 -5.79 -14.64
CA GLN A 2 7.35 -5.99 -13.42
C GLN A 2 8.07 -5.43 -12.17
N GLU A 3 7.32 -5.10 -11.12
CA GLU A 3 7.82 -4.62 -9.83
C GLU A 3 7.07 -5.23 -8.63
N SER A 4 7.51 -4.89 -7.42
CA SER A 4 6.92 -5.32 -6.13
C SER A 4 7.01 -4.21 -5.08
N CYS A 5 6.46 -4.44 -3.88
CA CYS A 5 6.50 -3.48 -2.78
C CYS A 5 7.89 -3.09 -2.25
N LYS A 6 8.98 -3.75 -2.65
CA LYS A 6 10.30 -3.57 -2.03
C LYS A 6 10.87 -2.18 -2.35
N GLY A 7 10.82 -1.30 -1.35
CA GLY A 7 11.15 0.13 -1.43
C GLY A 7 9.94 1.08 -1.49
N ARG A 8 8.70 0.58 -1.34
CA ARG A 8 7.44 1.32 -1.58
C ARG A 8 6.37 1.21 -0.48
N CYS A 9 6.41 0.19 0.36
CA CYS A 9 5.34 -0.12 1.33
C CYS A 9 4.98 1.06 2.25
N THR A 10 3.72 1.49 2.19
CA THR A 10 3.16 2.69 2.86
C THR A 10 3.95 3.97 2.57
N GLU A 11 4.37 4.19 1.31
CA GLU A 11 5.06 5.41 0.85
C GLU A 11 4.23 6.70 0.96
N GLY A 12 2.90 6.58 1.01
CA GLY A 12 1.93 7.70 1.00
C GLY A 12 1.29 7.93 -0.37
N PHE A 13 0.08 8.49 -0.36
CA PHE A 13 -0.77 8.66 -1.55
C PHE A 13 -0.24 9.70 -2.56
N ASN A 14 -0.22 9.32 -3.84
CA ASN A 14 0.03 10.20 -4.99
C ASN A 14 -0.52 9.51 -6.26
N VAL A 15 -1.79 9.77 -6.58
CA VAL A 15 -2.57 9.05 -7.63
C VAL A 15 -1.99 9.07 -9.05
N ASP A 16 -1.00 9.93 -9.33
CA ASP A 16 -0.23 9.89 -10.58
C ASP A 16 0.69 8.66 -10.71
N LYS A 17 1.13 8.07 -9.59
CA LYS A 17 2.05 6.90 -9.58
C LYS A 17 1.37 5.59 -10.01
N LYS A 18 2.14 4.70 -10.64
CA LYS A 18 1.70 3.38 -11.13
C LYS A 18 1.24 2.39 -10.04
N CYS A 19 1.70 2.58 -8.80
CA CYS A 19 1.20 1.86 -7.62
C CYS A 19 0.87 2.83 -6.48
N GLN A 20 -0.37 2.75 -6.00
CA GLN A 20 -0.79 3.40 -4.76
C GLN A 20 -0.44 2.44 -3.62
N CYS A 21 0.85 2.28 -3.36
CA CYS A 21 1.42 1.36 -2.37
C CYS A 21 1.23 1.93 -0.94
N ASP A 22 0.00 2.37 -0.62
CA ASP A 22 -0.36 3.16 0.57
C ASP A 22 -1.82 2.98 1.05
N GLU A 23 -2.15 3.70 2.13
CA GLU A 23 -3.40 3.62 2.91
C GLU A 23 -4.71 3.96 2.16
N LEU A 24 -4.67 4.67 1.02
CA LEU A 24 -5.86 5.22 0.33
C LEU A 24 -6.19 4.51 -1.00
N CYS A 25 -5.43 3.49 -1.38
CA CYS A 25 -5.55 2.86 -2.70
C CYS A 25 -6.90 2.17 -2.99
N SER A 26 -7.59 1.63 -1.98
CA SER A 26 -8.87 0.91 -2.15
C SER A 26 -9.99 1.81 -2.69
N TYR A 27 -9.98 3.08 -2.30
CA TYR A 27 -10.84 4.15 -2.80
C TYR A 27 -10.58 4.53 -4.28
N TYR A 28 -9.44 4.11 -4.85
CA TYR A 28 -9.05 4.39 -6.25
C TYR A 28 -8.84 3.14 -7.14
N GLN A 29 -8.83 1.92 -6.57
CA GLN A 29 -8.59 0.65 -7.27
C GLN A 29 -7.29 0.64 -8.13
N SER A 30 -6.23 1.25 -7.58
CA SER A 30 -4.94 1.52 -8.25
C SER A 30 -3.71 1.05 -7.43
N CYS A 31 -3.95 0.10 -6.52
CA CYS A 31 -2.98 -0.45 -5.57
C CYS A 31 -1.97 -1.45 -6.19
N CYS A 32 -0.91 -1.78 -5.45
CA CYS A 32 0.02 -2.88 -5.77
C CYS A 32 -0.74 -4.20 -6.00
N THR A 33 -0.19 -5.04 -6.88
CA THR A 33 -0.80 -6.32 -7.34
C THR A 33 -1.10 -7.33 -6.23
N ASP A 34 -0.49 -7.20 -5.05
CA ASP A 34 -0.72 -8.04 -3.87
C ASP A 34 -0.65 -7.23 -2.55
N TYR A 35 -1.18 -6.00 -2.56
CA TYR A 35 -1.16 -5.04 -1.43
C TYR A 35 -1.39 -5.68 -0.05
N THR A 36 -2.45 -6.47 0.12
CA THR A 36 -2.88 -7.02 1.42
C THR A 36 -1.91 -8.04 2.02
N ALA A 37 -0.92 -8.51 1.26
CA ALA A 37 0.17 -9.38 1.72
C ALA A 37 1.59 -8.79 1.52
N GLU A 38 1.75 -7.72 0.74
CA GLU A 38 3.07 -7.11 0.45
C GLU A 38 3.23 -5.67 0.93
N CYS A 39 2.18 -4.83 0.86
CA CYS A 39 2.26 -3.38 1.09
C CYS A 39 1.41 -2.90 2.28
N LYS A 40 0.63 -3.80 2.87
CA LYS A 40 -0.24 -3.58 4.03
C LYS A 40 0.49 -2.80 5.16
N PRO A 41 -0.02 -1.63 5.55
CA PRO A 41 0.43 -0.84 6.71
C PRO A 41 0.66 -1.63 8.00
N GLN A 42 1.47 -1.07 8.91
CA GLN A 42 1.92 -1.74 10.15
C GLN A 42 0.78 -2.25 11.04
N VAL A 43 1.01 -3.42 11.65
CA VAL A 43 0.12 -4.14 12.57
C VAL A 43 0.92 -4.70 13.76
N THR A 44 1.72 -3.83 14.38
CA THR A 44 2.68 -4.13 15.47
C THR A 44 2.06 -4.94 16.62
N ARG A 45 2.83 -5.90 17.16
CA ARG A 45 2.36 -6.93 18.11
C ARG A 45 3.06 -6.91 19.48
N GLY A 46 4.25 -6.33 19.58
CA GLY A 46 5.03 -6.21 20.84
C GLY A 46 6.54 -6.48 20.68
N ASP A 47 6.97 -6.93 19.51
CA ASP A 47 8.33 -7.42 19.19
C ASP A 47 8.88 -6.85 17.86
N VAL A 48 8.24 -5.80 17.33
CA VAL A 48 8.61 -5.11 16.08
C VAL A 48 8.17 -3.64 16.15
N PHE A 49 9.11 -2.72 15.88
CA PHE A 49 8.97 -1.27 16.05
C PHE A 49 9.76 -0.50 14.96
N THR A 50 9.87 -1.09 13.76
CA THR A 50 10.76 -0.63 12.67
C THR A 50 10.01 -0.55 11.34
N MET A 51 10.40 0.40 10.47
CA MET A 51 9.84 0.65 9.13
C MET A 51 10.94 1.15 8.17
N ASP A 1 15.65 -6.69 -10.73
CA ASP A 1 14.41 -5.89 -10.92
C ASP A 1 13.18 -6.78 -10.76
N GLN A 2 12.21 -6.38 -9.91
CA GLN A 2 10.94 -7.09 -9.68
C GLN A 2 9.79 -6.11 -9.48
N GLU A 3 8.60 -6.45 -9.99
CA GLU A 3 7.35 -5.70 -9.81
C GLU A 3 6.66 -6.06 -8.48
N SER A 4 7.16 -5.48 -7.37
CA SER A 4 6.68 -5.74 -6.00
C SER A 4 6.89 -4.54 -5.06
N CYS A 5 6.45 -4.64 -3.80
CA CYS A 5 6.48 -3.55 -2.82
C CYS A 5 7.86 -3.13 -2.30
N LYS A 6 8.98 -3.71 -2.77
CA LYS A 6 10.28 -3.46 -2.11
C LYS A 6 10.72 -2.01 -2.35
N GLY A 7 10.84 -1.25 -1.26
CA GLY A 7 11.13 0.19 -1.27
C GLY A 7 9.90 1.10 -1.44
N ARG A 8 8.66 0.57 -1.35
CA ARG A 8 7.40 1.30 -1.64
C ARG A 8 6.32 1.22 -0.57
N CYS A 9 6.34 0.21 0.31
CA CYS A 9 5.27 -0.01 1.28
C CYS A 9 5.00 1.22 2.19
N THR A 10 3.74 1.65 2.26
CA THR A 10 3.25 2.88 2.93
C THR A 10 3.99 4.17 2.49
N GLU A 11 4.32 4.31 1.20
CA GLU A 11 5.02 5.49 0.65
C GLU A 11 4.23 6.81 0.67
N GLY A 12 2.90 6.74 0.78
CA GLY A 12 1.98 7.89 0.75
C GLY A 12 1.34 8.12 -0.62
N PHE A 13 0.07 8.55 -0.61
CA PHE A 13 -0.79 8.67 -1.79
C PHE A 13 -0.39 9.80 -2.75
N ASN A 14 -0.45 9.49 -4.04
CA ASN A 14 -0.34 10.39 -5.19
C ASN A 14 -0.77 9.59 -6.42
N VAL A 15 -2.03 9.73 -6.84
CA VAL A 15 -2.67 8.88 -7.88
C VAL A 15 -1.99 8.86 -9.26
N ASP A 16 -1.03 9.76 -9.52
CA ASP A 16 -0.16 9.71 -10.70
C ASP A 16 0.96 8.64 -10.64
N LYS A 17 1.29 8.10 -9.45
CA LYS A 17 2.31 7.04 -9.27
C LYS A 17 1.83 5.69 -9.84
N LYS A 18 2.79 4.87 -10.30
CA LYS A 18 2.54 3.52 -10.85
C LYS A 18 1.94 2.51 -9.85
N CYS A 19 2.21 2.68 -8.55
CA CYS A 19 1.54 1.95 -7.47
C CYS A 19 1.08 2.91 -6.38
N GLN A 20 -0.18 2.74 -5.96
CA GLN A 20 -0.70 3.39 -4.77
C GLN A 20 -0.39 2.45 -3.60
N CYS A 21 0.89 2.33 -3.27
CA CYS A 21 1.43 1.45 -2.23
C CYS A 21 1.23 2.13 -0.85
N ASP A 22 -0.02 2.54 -0.55
CA ASP A 22 -0.38 3.41 0.59
C ASP A 22 -1.79 3.18 1.16
N GLU A 23 -2.14 3.97 2.19
CA GLU A 23 -3.35 3.89 3.01
C GLU A 23 -4.70 4.22 2.30
N LEU A 24 -4.70 4.81 1.09
CA LEU A 24 -5.90 5.32 0.40
C LEU A 24 -6.17 4.62 -0.95
N CYS A 25 -5.34 3.66 -1.33
CA CYS A 25 -5.37 3.04 -2.65
C CYS A 25 -6.66 2.26 -3.01
N SER A 26 -7.31 1.64 -2.02
CA SER A 26 -8.50 0.79 -2.24
C SER A 26 -9.74 1.59 -2.64
N TYR A 27 -9.83 2.85 -2.17
CA TYR A 27 -10.81 3.86 -2.57
C TYR A 27 -10.67 4.28 -4.06
N TYR A 28 -9.52 4.00 -4.69
CA TYR A 28 -9.24 4.20 -6.12
C TYR A 28 -9.05 2.88 -6.91
N GLN A 29 -9.11 1.73 -6.24
CA GLN A 29 -8.84 0.38 -6.79
C GLN A 29 -7.51 0.29 -7.57
N SER A 30 -6.45 0.98 -7.10
CA SER A 30 -5.17 1.19 -7.81
C SER A 30 -3.92 0.81 -6.99
N CYS A 31 -4.12 0.00 -5.94
CA CYS A 31 -3.05 -0.57 -5.12
C CYS A 31 -2.07 -1.49 -5.89
N CYS A 32 -0.90 -1.79 -5.30
CA CYS A 32 0.03 -2.83 -5.78
C CYS A 32 -0.65 -4.19 -6.07
N THR A 33 0.00 -4.97 -6.94
CA THR A 33 -0.47 -6.26 -7.50
C THR A 33 -0.94 -7.29 -6.45
N ASP A 34 -0.39 -7.24 -5.22
CA ASP A 34 -0.76 -8.12 -4.10
C ASP A 34 -0.85 -7.36 -2.76
N TYR A 35 -1.25 -6.08 -2.81
CA TYR A 35 -1.25 -5.11 -1.71
C TYR A 35 -1.57 -5.67 -0.32
N THR A 36 -2.66 -6.43 -0.17
CA THR A 36 -3.15 -6.92 1.13
C THR A 36 -2.22 -7.93 1.82
N ALA A 37 -1.20 -8.45 1.12
CA ALA A 37 -0.12 -9.26 1.70
C ALA A 37 1.28 -8.66 1.49
N GLU A 38 1.51 -7.94 0.38
CA GLU A 38 2.82 -7.37 0.03
C GLU A 38 3.08 -5.97 0.62
N CYS A 39 2.05 -5.11 0.70
CA CYS A 39 2.21 -3.69 1.01
C CYS A 39 1.46 -3.19 2.26
N LYS A 40 0.55 -4.01 2.83
CA LYS A 40 -0.41 -3.66 3.90
C LYS A 40 0.19 -2.73 5.00
N PRO A 41 -0.22 -1.45 5.07
CA PRO A 41 0.14 -0.52 6.14
C PRO A 41 -0.14 -1.04 7.56
N GLN A 42 0.54 -0.48 8.57
CA GLN A 42 0.30 -0.78 9.98
C GLN A 42 -1.12 -0.36 10.42
N VAL A 43 -1.93 -1.32 10.87
CA VAL A 43 -3.29 -1.11 11.36
C VAL A 43 -3.28 -0.37 12.71
N THR A 44 -4.21 0.56 12.91
CA THR A 44 -4.45 1.29 14.18
C THR A 44 -5.13 0.41 15.25
N ARG A 45 -4.54 -0.75 15.54
CA ARG A 45 -5.10 -1.83 16.38
C ARG A 45 -5.41 -1.41 17.83
N GLY A 46 -4.61 -0.50 18.39
CA GLY A 46 -4.79 0.07 19.74
C GLY A 46 -3.48 0.29 20.50
N ASP A 47 -2.46 -0.52 20.22
CA ASP A 47 -1.11 -0.47 20.82
C ASP A 47 0.02 -0.45 19.77
N VAL A 48 -0.37 -0.26 18.51
CA VAL A 48 0.48 -0.09 17.32
C VAL A 48 -0.29 0.75 16.28
N PHE A 49 0.43 1.56 15.51
CA PHE A 49 -0.14 2.52 14.54
C PHE A 49 0.90 3.06 13.53
N THR A 50 2.10 3.42 14.00
CA THR A 50 3.13 4.15 13.21
C THR A 50 4.57 3.64 13.46
N MET A 51 4.70 2.41 13.97
CA MET A 51 5.95 1.73 14.34
C MET A 51 5.93 0.25 13.94
N ASP A 1 9.41 -9.39 -13.19
CA ASP A 1 8.85 -9.42 -11.82
C ASP A 1 7.91 -8.24 -11.60
N GLN A 2 6.86 -8.43 -10.80
CA GLN A 2 5.86 -7.40 -10.46
C GLN A 2 6.41 -6.29 -9.55
N GLU A 3 5.70 -5.16 -9.46
CA GLU A 3 5.99 -4.04 -8.57
C GLU A 3 5.70 -4.38 -7.09
N SER A 4 6.62 -5.10 -6.45
CA SER A 4 6.59 -5.35 -5.00
C SER A 4 6.89 -4.07 -4.21
N CYS A 5 6.52 -4.07 -2.93
CA CYS A 5 6.51 -2.90 -2.04
C CYS A 5 7.41 -3.03 -0.82
N LYS A 6 8.02 -4.20 -0.59
CA LYS A 6 8.74 -4.54 0.66
C LYS A 6 10.04 -3.75 0.81
N GLY A 7 9.90 -2.60 1.46
CA GLY A 7 10.90 -1.53 1.60
C GLY A 7 10.38 -0.11 1.29
N ARG A 8 9.09 0.05 0.91
CA ARG A 8 8.51 1.32 0.41
C ARG A 8 7.14 1.68 1.00
N CYS A 9 6.31 0.71 1.38
CA CYS A 9 4.91 0.92 1.76
C CYS A 9 4.64 2.05 2.76
N THR A 10 3.49 2.70 2.58
CA THR A 10 3.06 3.91 3.32
C THR A 10 3.92 5.14 3.01
N GLU A 11 4.57 5.17 1.82
CA GLU A 11 5.29 6.34 1.29
C GLU A 11 4.38 7.57 1.00
N GLY A 12 3.07 7.36 0.87
CA GLY A 12 2.07 8.39 0.64
C GLY A 12 1.36 8.27 -0.72
N PHE A 13 0.15 8.83 -0.80
CA PHE A 13 -0.72 8.83 -1.98
C PHE A 13 -0.18 9.72 -3.12
N ASN A 14 -0.21 9.20 -4.36
CA ASN A 14 0.12 9.92 -5.59
C ASN A 14 -0.47 9.19 -6.81
N VAL A 15 -1.75 9.44 -7.13
CA VAL A 15 -2.54 8.67 -8.12
C VAL A 15 -1.99 8.62 -9.56
N ASP A 16 -1.00 9.44 -9.88
CA ASP A 16 -0.22 9.37 -11.14
C ASP A 16 0.67 8.10 -11.25
N LYS A 17 1.05 7.48 -10.13
CA LYS A 17 2.08 6.41 -10.07
C LYS A 17 1.51 4.99 -10.17
N LYS A 18 2.38 4.05 -10.58
CA LYS A 18 2.06 2.64 -10.95
C LYS A 18 1.47 1.79 -9.81
N CYS A 19 1.70 2.17 -8.56
CA CYS A 19 1.02 1.60 -7.39
C CYS A 19 0.65 2.70 -6.40
N GLN A 20 -0.51 2.51 -5.77
CA GLN A 20 -0.91 3.30 -4.62
C GLN A 20 -0.53 2.43 -3.41
N CYS A 21 0.77 2.31 -3.19
CA CYS A 21 1.39 1.53 -2.12
C CYS A 21 1.21 2.25 -0.75
N ASP A 22 0.00 2.73 -0.46
CA ASP A 22 -0.34 3.64 0.64
C ASP A 22 -1.79 3.48 1.16
N GLU A 23 -2.13 4.31 2.17
CA GLU A 23 -3.37 4.28 2.97
C GLU A 23 -4.70 4.55 2.23
N LEU A 24 -4.67 5.16 1.04
CA LEU A 24 -5.87 5.64 0.30
C LEU A 24 -6.17 4.83 -0.97
N CYS A 25 -5.39 3.77 -1.22
CA CYS A 25 -5.39 3.02 -2.48
C CYS A 25 -6.72 2.37 -2.88
N SER A 26 -7.49 1.86 -1.93
CA SER A 26 -8.72 1.10 -2.20
C SER A 26 -9.90 2.00 -2.60
N TYR A 27 -9.91 3.25 -2.11
CA TYR A 27 -10.82 4.32 -2.54
C TYR A 27 -10.63 4.72 -4.03
N TYR A 28 -9.47 4.42 -4.61
CA TYR A 28 -9.17 4.57 -6.05
C TYR A 28 -9.06 3.23 -6.80
N GLN A 29 -9.27 2.09 -6.12
CA GLN A 29 -9.06 0.72 -6.64
C GLN A 29 -7.70 0.54 -7.35
N SER A 30 -6.64 1.20 -6.84
CA SER A 30 -5.32 1.34 -7.50
C SER A 30 -4.14 0.89 -6.62
N CYS A 31 -4.41 0.07 -5.60
CA CYS A 31 -3.40 -0.60 -4.76
C CYS A 31 -2.37 -1.41 -5.58
N CYS A 32 -1.24 -1.79 -4.96
CA CYS A 32 -0.23 -2.67 -5.56
C CYS A 32 -0.84 -3.97 -6.14
N THR A 33 -0.17 -4.57 -7.12
CA THR A 33 -0.59 -5.81 -7.80
C THR A 33 -0.88 -6.99 -6.86
N ASP A 34 -0.28 -7.00 -5.67
CA ASP A 34 -0.58 -7.96 -4.59
C ASP A 34 -0.53 -7.29 -3.19
N TYR A 35 -1.02 -6.05 -3.09
CA TYR A 35 -1.10 -5.23 -1.86
C TYR A 35 -1.38 -6.06 -0.58
N THR A 36 -2.41 -6.91 -0.58
CA THR A 36 -2.84 -7.67 0.60
C THR A 36 -1.85 -8.75 1.09
N ALA A 37 -0.82 -9.09 0.32
CA ALA A 37 0.27 -9.97 0.72
C ALA A 37 1.69 -9.35 0.62
N GLU A 38 1.86 -8.23 -0.10
CA GLU A 38 3.17 -7.60 -0.37
C GLU A 38 3.29 -6.15 0.16
N CYS A 39 2.18 -5.45 0.43
CA CYS A 39 2.18 -4.08 0.95
C CYS A 39 1.43 -3.89 2.28
N LYS A 40 0.63 -4.90 2.69
CA LYS A 40 -0.31 -4.89 3.82
C LYS A 40 0.31 -4.34 5.12
N PRO A 41 -0.16 -3.18 5.63
CA PRO A 41 0.18 -2.68 6.96
C PRO A 41 -0.03 -3.75 8.05
N GLN A 42 0.97 -3.96 8.90
CA GLN A 42 0.89 -4.87 10.05
C GLN A 42 -0.03 -4.28 11.14
N VAL A 43 -0.86 -5.13 11.77
CA VAL A 43 -1.91 -4.74 12.74
C VAL A 43 -2.04 -5.77 13.87
N THR A 44 -2.69 -5.37 14.98
CA THR A 44 -3.03 -6.25 16.11
C THR A 44 -3.88 -7.44 15.66
N ARG A 45 -3.43 -8.68 15.94
CA ARG A 45 -4.04 -9.93 15.48
C ARG A 45 -3.74 -11.10 16.44
N GLY A 46 -4.49 -12.19 16.32
CA GLY A 46 -4.24 -13.48 17.00
C GLY A 46 -3.37 -14.46 16.19
N ASP A 47 -2.67 -13.95 15.17
CA ASP A 47 -1.80 -14.67 14.24
C ASP A 47 -0.67 -13.72 13.76
N VAL A 48 0.26 -14.18 12.91
CA VAL A 48 1.45 -13.40 12.47
C VAL A 48 1.54 -13.26 10.95
N PHE A 49 2.11 -12.15 10.51
CA PHE A 49 2.35 -11.80 9.11
C PHE A 49 3.62 -10.92 8.99
N THR A 50 4.53 -11.29 8.09
CA THR A 50 5.87 -10.70 7.94
C THR A 50 6.32 -10.63 6.47
N MET A 51 7.40 -9.87 6.21
CA MET A 51 7.99 -9.63 4.88
C MET A 51 8.41 -10.92 4.14
N ASP A 1 2.69 -3.71 -17.61
CA ASP A 1 3.81 -3.56 -16.66
C ASP A 1 3.32 -3.60 -15.21
N GLN A 2 4.21 -3.87 -14.25
CA GLN A 2 3.91 -3.97 -12.81
C GLN A 2 5.05 -3.38 -11.96
N GLU A 3 4.78 -3.16 -10.66
CA GLU A 3 5.75 -2.78 -9.62
C GLU A 3 5.50 -3.59 -8.33
N SER A 4 6.41 -3.48 -7.35
CA SER A 4 6.31 -4.18 -6.06
C SER A 4 6.68 -3.27 -4.87
N CYS A 5 6.36 -3.69 -3.65
CA CYS A 5 6.44 -2.85 -2.45
C CYS A 5 7.83 -2.70 -1.78
N LYS A 6 8.89 -3.33 -2.30
CA LYS A 6 10.18 -3.39 -1.57
C LYS A 6 10.84 -2.00 -1.49
N GLY A 7 10.90 -1.47 -0.27
CA GLY A 7 11.39 -0.12 0.04
C GLY A 7 10.33 0.99 -0.15
N ARG A 8 9.03 0.65 -0.24
CA ARG A 8 7.95 1.59 -0.63
C ARG A 8 6.68 1.57 0.23
N CYS A 9 6.37 0.48 0.91
CA CYS A 9 5.14 0.35 1.71
C CYS A 9 4.88 1.54 2.66
N THR A 10 3.69 2.13 2.56
CA THR A 10 3.23 3.33 3.29
C THR A 10 3.97 4.62 2.91
N GLU A 11 4.44 4.74 1.65
CA GLU A 11 5.16 5.92 1.12
C GLU A 11 4.37 7.24 1.04
N GLY A 12 3.04 7.18 1.15
CA GLY A 12 2.12 8.30 0.90
C GLY A 12 1.60 8.28 -0.54
N PHE A 13 0.28 8.34 -0.66
CA PHE A 13 -0.47 8.19 -1.90
C PHE A 13 -0.31 9.37 -2.88
N ASN A 14 -0.39 9.02 -4.16
CA ASN A 14 -0.52 9.90 -5.32
C ASN A 14 -1.00 8.99 -6.47
N VAL A 15 -2.21 9.21 -6.97
CA VAL A 15 -2.84 8.35 -7.99
C VAL A 15 -2.11 8.35 -9.36
N ASP A 16 -1.19 9.30 -9.60
CA ASP A 16 -0.31 9.32 -10.77
C ASP A 16 0.86 8.30 -10.70
N LYS A 17 1.18 7.76 -9.52
CA LYS A 17 2.23 6.73 -9.33
C LYS A 17 1.81 5.38 -9.95
N LYS A 18 2.77 4.53 -10.30
CA LYS A 18 2.52 3.20 -10.93
C LYS A 18 2.05 2.12 -9.94
N CYS A 19 2.10 2.43 -8.64
CA CYS A 19 1.46 1.69 -7.55
C CYS A 19 0.99 2.71 -6.52
N GLN A 20 -0.09 2.38 -5.83
CA GLN A 20 -0.57 3.10 -4.65
C GLN A 20 -0.28 2.17 -3.48
N CYS A 21 1.00 1.93 -3.23
CA CYS A 21 1.54 1.11 -2.13
C CYS A 21 1.33 1.79 -0.75
N ASP A 22 0.15 2.37 -0.51
CA ASP A 22 -0.19 3.25 0.61
C ASP A 22 -1.68 3.16 1.02
N GLU A 23 -2.02 3.76 2.16
CA GLU A 23 -3.30 3.66 2.89
C GLU A 23 -4.57 3.99 2.06
N LEU A 24 -4.51 4.97 1.16
CA LEU A 24 -5.67 5.48 0.42
C LEU A 24 -6.03 4.68 -0.85
N CYS A 25 -5.28 3.64 -1.21
CA CYS A 25 -5.43 2.98 -2.51
C CYS A 25 -6.80 2.33 -2.75
N SER A 26 -7.45 1.77 -1.73
CA SER A 26 -8.74 1.06 -1.86
C SER A 26 -9.89 1.97 -2.32
N TYR A 27 -9.81 3.26 -2.00
CA TYR A 27 -10.73 4.33 -2.45
C TYR A 27 -10.59 4.65 -3.96
N TYR A 28 -9.52 4.19 -4.62
CA TYR A 28 -9.28 4.33 -6.08
C TYR A 28 -9.20 2.99 -6.83
N GLN A 29 -8.97 1.88 -6.13
CA GLN A 29 -8.71 0.52 -6.64
C GLN A 29 -7.46 0.38 -7.54
N SER A 30 -6.65 1.44 -7.68
CA SER A 30 -5.40 1.52 -8.47
C SER A 30 -4.18 0.80 -7.84
N CYS A 31 -4.37 0.22 -6.65
CA CYS A 31 -3.35 -0.33 -5.75
C CYS A 31 -2.32 -1.31 -6.35
N CYS A 32 -1.20 -1.52 -5.65
CA CYS A 32 -0.23 -2.59 -5.95
C CYS A 32 -0.93 -3.95 -6.10
N THR A 33 -0.54 -4.73 -7.12
CA THR A 33 -1.23 -5.96 -7.57
C THR A 33 -1.30 -7.11 -6.55
N ASP A 34 -0.61 -7.00 -5.41
CA ASP A 34 -0.64 -7.96 -4.30
C ASP A 34 -0.69 -7.26 -2.91
N TYR A 35 -1.20 -6.02 -2.84
CA TYR A 35 -1.28 -5.16 -1.64
C TYR A 35 -1.51 -5.89 -0.33
N THR A 36 -2.50 -6.79 -0.24
CA THR A 36 -2.86 -7.48 1.01
C THR A 36 -1.78 -8.42 1.59
N ALA A 37 -0.73 -8.73 0.82
CA ALA A 37 0.47 -9.42 1.30
C ALA A 37 1.77 -8.59 1.10
N GLU A 38 1.81 -7.71 0.10
CA GLU A 38 3.00 -6.90 -0.23
C GLU A 38 3.06 -5.53 0.47
N CYS A 39 1.95 -4.78 0.51
CA CYS A 39 1.94 -3.36 0.93
C CYS A 39 1.07 -3.03 2.15
N LYS A 40 0.24 -3.98 2.63
CA LYS A 40 -0.65 -3.91 3.80
C LYS A 40 0.05 -3.23 5.01
N PRO A 41 -0.41 -2.03 5.42
CA PRO A 41 0.10 -1.33 6.60
C PRO A 41 -0.38 -1.97 7.92
N GLN A 42 0.23 -1.58 9.04
CA GLN A 42 -0.09 -2.12 10.38
C GLN A 42 -1.51 -1.74 10.85
N VAL A 43 -2.15 -2.65 11.61
CA VAL A 43 -3.50 -2.50 12.18
C VAL A 43 -3.55 -3.15 13.58
N THR A 44 -4.15 -2.48 14.55
CA THR A 44 -4.31 -3.00 15.93
C THR A 44 -5.51 -3.94 16.09
N ARG A 45 -5.42 -4.85 17.07
CA ARG A 45 -6.53 -5.71 17.54
C ARG A 45 -7.64 -4.89 18.24
N GLY A 46 -7.27 -3.76 18.83
CA GLY A 46 -8.12 -2.89 19.66
C GLY A 46 -7.63 -2.83 21.13
N ASP A 47 -6.91 -3.85 21.57
CA ASP A 47 -6.22 -3.94 22.86
C ASP A 47 -4.97 -4.83 22.74
N VAL A 48 -3.80 -4.30 23.09
CA VAL A 48 -2.50 -5.00 23.10
C VAL A 48 -1.54 -4.30 24.07
N PHE A 49 -0.62 -5.05 24.69
CA PHE A 49 0.28 -4.53 25.74
C PHE A 49 1.29 -3.46 25.25
N THR A 50 1.66 -3.49 23.97
CA THR A 50 2.47 -2.44 23.30
C THR A 50 2.29 -2.48 21.77
N MET A 51 2.51 -1.34 21.11
CA MET A 51 2.55 -1.17 19.64
C MET A 51 3.34 0.09 19.25
N ASP A 1 10.48 -3.41 -15.14
CA ASP A 1 9.26 -3.89 -15.86
C ASP A 1 8.09 -4.15 -14.90
N GLN A 2 8.28 -4.94 -13.83
CA GLN A 2 7.24 -5.29 -12.84
C GLN A 2 7.83 -5.22 -11.41
N GLU A 3 7.92 -3.99 -10.90
CA GLU A 3 8.41 -3.66 -9.55
C GLU A 3 7.42 -4.11 -8.43
N SER A 4 7.85 -4.02 -7.17
CA SER A 4 7.01 -4.31 -5.99
C SER A 4 7.31 -3.40 -4.78
N CYS A 5 6.52 -3.54 -3.71
CA CYS A 5 6.50 -2.62 -2.57
C CYS A 5 7.70 -2.66 -1.61
N LYS A 6 8.66 -3.60 -1.75
CA LYS A 6 9.76 -3.77 -0.79
C LYS A 6 10.76 -2.60 -0.86
N GLY A 7 10.51 -1.59 -0.04
CA GLY A 7 11.18 -0.27 -0.02
C GLY A 7 10.23 0.93 -0.17
N ARG A 8 8.90 0.73 -0.23
CA ARG A 8 7.89 1.74 -0.57
C ARG A 8 6.68 1.83 0.36
N CYS A 9 6.20 0.72 0.92
CA CYS A 9 4.92 0.64 1.65
C CYS A 9 4.68 1.77 2.68
N THR A 10 3.49 2.37 2.61
CA THR A 10 3.06 3.58 3.34
C THR A 10 3.80 4.87 2.92
N GLU A 11 4.27 4.96 1.66
CA GLU A 11 4.88 6.18 1.09
C GLU A 11 3.95 7.41 1.03
N GLY A 12 2.63 7.19 1.05
CA GLY A 12 1.59 8.21 0.87
C GLY A 12 1.07 8.27 -0.56
N PHE A 13 -0.18 8.73 -0.70
CA PHE A 13 -0.93 8.73 -1.96
C PHE A 13 -0.41 9.74 -3.00
N ASN A 14 -0.34 9.30 -4.27
CA ASN A 14 -0.09 10.12 -5.47
C ASN A 14 -0.46 9.28 -6.72
N VAL A 15 -1.72 9.36 -7.17
CA VAL A 15 -2.31 8.47 -8.21
C VAL A 15 -1.61 8.48 -9.58
N ASP A 16 -0.66 9.38 -9.82
CA ASP A 16 0.23 9.35 -11.00
C ASP A 16 1.23 8.16 -10.97
N LYS A 17 1.62 7.68 -9.78
CA LYS A 17 2.63 6.61 -9.60
C LYS A 17 2.13 5.21 -10.00
N LYS A 18 3.07 4.33 -10.37
CA LYS A 18 2.84 2.94 -10.84
C LYS A 18 2.18 2.02 -9.80
N CYS A 19 2.30 2.33 -8.50
CA CYS A 19 1.55 1.70 -7.42
C CYS A 19 1.07 2.75 -6.43
N GLN A 20 -0.09 2.48 -5.85
CA GLN A 20 -0.60 3.22 -4.70
C GLN A 20 -0.35 2.35 -3.47
N CYS A 21 0.95 2.19 -3.17
CA CYS A 21 1.50 1.39 -2.09
C CYS A 21 1.25 2.08 -0.72
N ASP A 22 0.02 2.53 -0.46
CA ASP A 22 -0.38 3.41 0.65
C ASP A 22 -1.84 3.19 1.13
N GLU A 23 -2.24 3.97 2.14
CA GLU A 23 -3.50 3.86 2.88
C GLU A 23 -4.79 4.13 2.09
N LEU A 24 -4.75 4.83 0.94
CA LEU A 24 -5.94 5.30 0.22
C LEU A 24 -6.29 4.49 -1.03
N CYS A 25 -5.40 3.60 -1.50
CA CYS A 25 -5.64 2.83 -2.73
C CYS A 25 -6.90 1.94 -2.68
N SER A 26 -7.30 1.49 -1.48
CA SER A 26 -8.51 0.69 -1.24
C SER A 26 -9.81 1.44 -1.57
N TYR A 27 -9.76 2.78 -1.60
CA TYR A 27 -10.83 3.66 -2.10
C TYR A 27 -10.64 3.99 -3.59
N TYR A 28 -9.42 4.33 -4.03
CA TYR A 28 -9.13 4.70 -5.43
C TYR A 28 -9.12 3.52 -6.44
N GLN A 29 -9.18 2.27 -5.97
CA GLN A 29 -9.10 1.02 -6.77
C GLN A 29 -7.81 0.94 -7.63
N SER A 30 -6.69 1.37 -7.06
CA SER A 30 -5.41 1.61 -7.74
C SER A 30 -4.18 0.96 -7.06
N CYS A 31 -4.41 0.03 -6.13
CA CYS A 31 -3.37 -0.66 -5.36
C CYS A 31 -2.39 -1.49 -6.21
N CYS A 32 -1.22 -1.81 -5.64
CA CYS A 32 -0.26 -2.78 -6.20
C CYS A 32 -0.90 -4.18 -6.37
N THR A 33 -0.33 -5.00 -7.26
CA THR A 33 -0.88 -6.29 -7.74
C THR A 33 -1.20 -7.33 -6.66
N ASP A 34 -0.55 -7.26 -5.48
CA ASP A 34 -0.81 -8.13 -4.33
C ASP A 34 -0.78 -7.37 -2.99
N TYR A 35 -1.20 -6.10 -3.01
CA TYR A 35 -1.27 -5.15 -1.88
C TYR A 35 -1.51 -5.78 -0.49
N THR A 36 -2.59 -6.55 -0.31
CA THR A 36 -2.98 -7.08 1.01
C THR A 36 -2.00 -8.12 1.60
N ALA A 37 -1.03 -8.61 0.83
CA ALA A 37 0.04 -9.49 1.32
C ALA A 37 1.47 -8.94 1.10
N GLU A 38 1.69 -8.13 0.06
CA GLU A 38 3.02 -7.60 -0.30
C GLU A 38 3.22 -6.12 0.05
N CYS A 39 2.16 -5.32 0.16
CA CYS A 39 2.24 -3.87 0.39
C CYS A 39 1.54 -3.35 1.67
N LYS A 40 0.77 -4.18 2.37
CA LYS A 40 -0.14 -3.82 3.49
C LYS A 40 0.43 -2.73 4.42
N PRO A 41 -0.06 -1.48 4.34
CA PRO A 41 0.46 -0.33 5.08
C PRO A 41 -0.02 -0.32 6.55
N GLN A 42 0.21 0.80 7.26
CA GLN A 42 -0.31 1.05 8.61
C GLN A 42 -1.85 0.82 8.72
N VAL A 43 -2.32 0.43 9.91
CA VAL A 43 -3.72 0.05 10.21
C VAL A 43 -4.22 0.80 11.45
N THR A 44 -5.49 1.20 11.44
CA THR A 44 -6.18 1.89 12.56
C THR A 44 -7.64 1.44 12.70
N ARG A 45 -8.29 1.84 13.80
CA ARG A 45 -9.73 1.68 14.06
C ARG A 45 -10.63 2.46 13.09
N GLY A 46 -10.08 3.40 12.32
CA GLY A 46 -10.80 4.33 11.45
C GLY A 46 -11.46 5.49 12.21
N ASP A 47 -12.19 5.19 13.30
CA ASP A 47 -12.82 6.19 14.19
C ASP A 47 -11.84 6.92 15.11
N VAL A 48 -10.67 6.32 15.30
CA VAL A 48 -9.49 6.79 16.05
C VAL A 48 -8.19 6.27 15.43
N PHE A 49 -7.06 6.92 15.74
CA PHE A 49 -5.73 6.57 15.22
C PHE A 49 -5.10 5.31 15.85
N THR A 50 -5.65 4.80 16.96
CA THR A 50 -5.28 3.52 17.59
C THR A 50 -5.47 2.35 16.62
N MET A 51 -4.62 1.32 16.68
CA MET A 51 -4.74 0.08 15.89
C MET A 51 -6.10 -0.62 16.04
N ASP A 1 0.69 -4.88 -17.61
CA ASP A 1 1.99 -4.82 -16.87
C ASP A 1 1.80 -4.14 -15.51
N GLN A 2 2.57 -4.58 -14.51
CA GLN A 2 2.51 -4.11 -13.12
C GLN A 2 3.93 -3.95 -12.51
N GLU A 3 4.04 -3.40 -11.31
CA GLU A 3 5.31 -3.07 -10.65
C GLU A 3 5.24 -3.29 -9.12
N SER A 4 6.31 -3.83 -8.52
CA SER A 4 6.37 -4.24 -7.11
C SER A 4 6.38 -3.07 -6.11
N CYS A 5 5.83 -3.29 -4.91
CA CYS A 5 5.93 -2.36 -3.79
C CYS A 5 7.28 -2.34 -3.05
N LYS A 6 8.21 -3.24 -3.36
CA LYS A 6 9.43 -3.43 -2.55
C LYS A 6 10.38 -2.23 -2.62
N GLY A 7 10.37 -1.44 -1.53
CA GLY A 7 11.06 -0.15 -1.39
C GLY A 7 10.13 1.07 -1.20
N ARG A 8 8.80 0.89 -1.26
CA ARG A 8 7.80 1.99 -1.31
C ARG A 8 6.63 1.88 -0.33
N CYS A 9 6.22 0.68 0.06
CA CYS A 9 5.06 0.41 0.93
C CYS A 9 4.84 1.42 2.09
N THR A 10 3.63 1.99 2.13
CA THR A 10 3.15 3.02 3.09
C THR A 10 3.86 4.39 2.95
N GLU A 11 4.36 4.74 1.75
CA GLU A 11 5.02 6.03 1.48
C GLU A 11 4.13 7.29 1.54
N GLY A 12 2.80 7.13 1.53
CA GLY A 12 1.83 8.20 1.36
C GLY A 12 1.34 8.26 -0.10
N PHE A 13 0.04 8.45 -0.29
CA PHE A 13 -0.63 8.33 -1.59
C PHE A 13 -0.25 9.43 -2.60
N ASN A 14 -0.13 9.05 -3.88
CA ASN A 14 0.11 9.94 -5.02
C ASN A 14 -0.39 9.28 -6.31
N VAL A 15 -1.63 9.60 -6.71
CA VAL A 15 -2.38 8.91 -7.78
C VAL A 15 -1.73 8.91 -9.18
N ASP A 16 -0.70 9.74 -9.41
CA ASP A 16 0.12 9.71 -10.63
C ASP A 16 1.03 8.46 -10.73
N LYS A 17 1.43 7.85 -9.61
CA LYS A 17 2.36 6.70 -9.57
C LYS A 17 1.76 5.39 -10.08
N LYS A 18 2.61 4.51 -10.62
CA LYS A 18 2.24 3.18 -11.16
C LYS A 18 1.61 2.23 -10.12
N CYS A 19 1.94 2.38 -8.84
CA CYS A 19 1.25 1.72 -7.74
C CYS A 19 0.78 2.73 -6.71
N GLN A 20 -0.38 2.43 -6.12
CA GLN A 20 -0.88 3.13 -4.94
C GLN A 20 -0.57 2.24 -3.75
N CYS A 21 0.72 2.07 -3.51
CA CYS A 21 1.33 1.29 -2.44
C CYS A 21 1.06 1.89 -1.03
N ASP A 22 -0.14 2.43 -0.78
CA ASP A 22 -0.51 3.23 0.39
C ASP A 22 -2.01 3.11 0.76
N GLU A 23 -2.37 3.57 1.96
CA GLU A 23 -3.67 3.41 2.62
C GLU A 23 -4.91 3.79 1.80
N LEU A 24 -4.84 4.87 1.01
CA LEU A 24 -5.99 5.39 0.23
C LEU A 24 -6.33 4.57 -1.02
N CYS A 25 -5.50 3.59 -1.42
CA CYS A 25 -5.74 2.82 -2.65
C CYS A 25 -7.10 2.09 -2.70
N SER A 26 -7.67 1.74 -1.53
CA SER A 26 -8.99 1.09 -1.38
C SER A 26 -10.17 1.96 -1.85
N TYR A 27 -9.93 3.25 -2.14
CA TYR A 27 -10.87 4.22 -2.68
C TYR A 27 -10.55 4.64 -4.14
N TYR A 28 -9.41 4.19 -4.69
CA TYR A 28 -8.95 4.50 -6.06
C TYR A 28 -8.75 3.28 -6.98
N GLN A 29 -8.86 2.04 -6.45
CA GLN A 29 -8.78 0.78 -7.22
C GLN A 29 -7.51 0.66 -8.09
N SER A 30 -6.40 1.26 -7.63
CA SER A 30 -5.12 1.42 -8.37
C SER A 30 -3.92 0.92 -7.55
N CYS A 31 -4.17 0.06 -6.56
CA CYS A 31 -3.18 -0.48 -5.62
C CYS A 31 -2.14 -1.42 -6.27
N CYS A 32 -1.07 -1.73 -5.52
CA CYS A 32 -0.13 -2.79 -5.90
C CYS A 32 -0.86 -4.14 -5.99
N THR A 33 -0.40 -5.04 -6.88
CA THR A 33 -1.08 -6.29 -7.28
C THR A 33 -1.38 -7.26 -6.12
N ASP A 34 -0.63 -7.16 -5.02
CA ASP A 34 -0.70 -8.05 -3.85
C ASP A 34 -0.73 -7.25 -2.54
N TYR A 35 -1.37 -6.06 -2.53
CA TYR A 35 -1.34 -5.10 -1.41
C TYR A 35 -1.49 -5.74 -0.02
N THR A 36 -2.51 -6.57 0.21
CA THR A 36 -2.78 -7.23 1.51
C THR A 36 -1.72 -8.24 1.98
N ALA A 37 -0.77 -8.64 1.12
CA ALA A 37 0.29 -9.59 1.44
C ALA A 37 1.72 -9.03 1.28
N GLU A 38 1.90 -8.00 0.44
CA GLU A 38 3.22 -7.42 0.10
C GLU A 38 3.38 -5.93 0.45
N CYS A 39 2.28 -5.18 0.60
CA CYS A 39 2.31 -3.73 0.82
C CYS A 39 1.65 -3.26 2.13
N LYS A 40 0.83 -4.11 2.77
CA LYS A 40 -0.05 -3.80 3.89
C LYS A 40 0.69 -3.08 5.04
N PRO A 41 0.30 -1.83 5.39
CA PRO A 41 0.80 -1.09 6.54
C PRO A 41 0.83 -1.89 7.85
N GLN A 42 1.82 -1.62 8.69
CA GLN A 42 1.95 -2.21 10.04
C GLN A 42 0.96 -1.54 11.03
N VAL A 43 -0.30 -2.00 11.01
CA VAL A 43 -1.36 -1.60 11.96
C VAL A 43 -0.95 -1.85 13.41
N THR A 44 -1.33 -0.96 14.32
CA THR A 44 -0.97 -0.97 15.76
C THR A 44 -2.19 -0.79 16.69
N ARG A 45 -3.35 -1.27 16.22
CA ARG A 45 -4.69 -1.13 16.84
C ARG A 45 -4.83 -1.80 18.23
N GLY A 46 -4.00 -2.80 18.53
CA GLY A 46 -4.13 -3.66 19.72
C GLY A 46 -5.03 -4.88 19.51
N ASP A 47 -5.36 -5.21 18.25
CA ASP A 47 -6.30 -6.26 17.84
C ASP A 47 -5.81 -7.01 16.58
N VAL A 48 -4.48 -7.07 16.38
CA VAL A 48 -3.81 -7.66 15.22
C VAL A 48 -2.44 -8.26 15.61
N PHE A 49 -1.91 -9.18 14.81
CA PHE A 49 -0.67 -9.93 15.11
C PHE A 49 0.59 -9.37 14.43
N THR A 50 0.47 -8.28 13.67
CA THR A 50 1.59 -7.58 12.99
C THR A 50 2.36 -6.60 13.88
N MET A 51 2.03 -6.54 15.19
CA MET A 51 2.57 -5.61 16.20
C MET A 51 3.15 -6.32 17.44
N ASP A 1 1.44 -1.33 -16.21
CA ASP A 1 2.86 -1.62 -15.88
C ASP A 1 3.12 -1.33 -14.40
N GLN A 2 3.45 -2.37 -13.64
CA GLN A 2 3.54 -2.34 -12.16
C GLN A 2 4.80 -3.06 -11.65
N GLU A 3 5.13 -2.83 -10.38
CA GLU A 3 6.28 -3.42 -9.67
C GLU A 3 5.91 -3.79 -8.21
N SER A 4 6.78 -4.56 -7.53
CA SER A 4 6.61 -4.94 -6.12
C SER A 4 6.80 -3.77 -5.14
N CYS A 5 6.38 -3.97 -3.89
CA CYS A 5 6.37 -2.94 -2.84
C CYS A 5 7.75 -2.45 -2.34
N LYS A 6 8.86 -2.98 -2.85
CA LYS A 6 10.19 -2.72 -2.27
C LYS A 6 10.61 -1.26 -2.47
N GLY A 7 10.85 -0.58 -1.35
CA GLY A 7 11.13 0.86 -1.27
C GLY A 7 9.89 1.77 -1.40
N ARG A 8 8.66 1.23 -1.30
CA ARG A 8 7.40 1.94 -1.61
C ARG A 8 6.27 1.80 -0.59
N CYS A 9 6.22 0.72 0.18
CA CYS A 9 5.17 0.50 1.20
C CYS A 9 4.95 1.71 2.14
N THR A 10 3.68 2.08 2.33
CA THR A 10 3.20 3.20 3.18
C THR A 10 3.69 4.58 2.73
N GLU A 11 3.96 4.78 1.43
CA GLU A 11 4.40 6.08 0.86
C GLU A 11 3.36 7.22 0.91
N GLY A 12 2.07 6.90 1.05
CA GLY A 12 0.94 7.83 0.89
C GLY A 12 0.57 8.03 -0.59
N PHE A 13 -0.70 8.32 -0.88
CA PHE A 13 -1.19 8.32 -2.27
C PHE A 13 -0.61 9.45 -3.12
N ASN A 14 -0.26 9.12 -4.36
CA ASN A 14 0.17 10.06 -5.40
C ASN A 14 -0.29 9.50 -6.75
N VAL A 15 -1.37 10.05 -7.29
CA VAL A 15 -2.12 9.56 -8.46
C VAL A 15 -1.26 9.23 -9.70
N ASP A 16 -0.07 9.85 -9.84
CA ASP A 16 0.88 9.60 -10.93
C ASP A 16 1.70 8.29 -10.81
N LYS A 17 1.83 7.71 -9.60
CA LYS A 17 2.66 6.52 -9.33
C LYS A 17 2.07 5.23 -9.94
N LYS A 18 2.96 4.28 -10.30
CA LYS A 18 2.62 2.98 -10.91
C LYS A 18 1.84 2.06 -9.96
N CYS A 19 2.20 2.07 -8.67
CA CYS A 19 1.43 1.46 -7.59
C CYS A 19 0.88 2.56 -6.69
N GLN A 20 -0.04 2.17 -5.82
CA GLN A 20 -0.54 3.00 -4.73
C GLN A 20 -0.34 2.14 -3.49
N CYS A 21 0.94 1.96 -3.14
CA CYS A 21 1.43 1.05 -2.11
C CYS A 21 1.13 1.56 -0.68
N ASP A 22 -0.04 2.15 -0.44
CA ASP A 22 -0.41 2.89 0.78
C ASP A 22 -1.88 2.74 1.24
N GLU A 23 -2.19 3.37 2.37
CA GLU A 23 -3.47 3.29 3.09
C GLU A 23 -4.73 3.70 2.29
N LEU A 24 -4.61 4.64 1.34
CA LEU A 24 -5.75 5.22 0.61
C LEU A 24 -6.06 4.49 -0.71
N CYS A 25 -5.30 3.45 -1.07
CA CYS A 25 -5.40 2.82 -2.39
C CYS A 25 -6.75 2.18 -2.70
N SER A 26 -7.47 1.67 -1.69
CA SER A 26 -8.79 1.05 -1.84
C SER A 26 -9.89 2.06 -2.20
N TYR A 27 -9.77 3.31 -1.73
CA TYR A 27 -10.67 4.43 -2.11
C TYR A 27 -10.58 4.78 -3.62
N TYR A 28 -9.47 4.44 -4.29
CA TYR A 28 -9.29 4.59 -5.74
C TYR A 28 -9.32 3.26 -6.53
N GLN A 29 -9.25 2.11 -5.85
CA GLN A 29 -9.05 0.77 -6.43
C GLN A 29 -7.79 0.70 -7.33
N SER A 30 -6.69 1.32 -6.89
CA SER A 30 -5.44 1.51 -7.66
C SER A 30 -4.19 0.92 -6.97
N CYS A 31 -4.39 0.04 -5.98
CA CYS A 31 -3.34 -0.60 -5.18
C CYS A 31 -2.29 -1.42 -5.99
N CYS A 32 -1.16 -1.72 -5.35
CA CYS A 32 -0.15 -2.69 -5.86
C CYS A 32 -0.79 -4.07 -6.12
N THR A 33 -0.22 -4.84 -7.07
CA THR A 33 -0.78 -6.11 -7.58
C THR A 33 -0.94 -7.22 -6.53
N ASP A 34 -0.24 -7.13 -5.39
CA ASP A 34 -0.32 -8.06 -4.25
C ASP A 34 -0.43 -7.29 -2.91
N TYR A 35 -1.05 -6.10 -2.92
CA TYR A 35 -1.21 -5.18 -1.77
C TYR A 35 -1.46 -5.86 -0.42
N THR A 36 -2.45 -6.75 -0.32
CA THR A 36 -2.84 -7.42 0.94
C THR A 36 -1.80 -8.38 1.53
N ALA A 37 -0.76 -8.72 0.76
CA ALA A 37 0.36 -9.58 1.17
C ALA A 37 1.74 -8.89 1.08
N GLU A 38 1.86 -7.76 0.37
CA GLU A 38 3.15 -7.06 0.15
C GLU A 38 3.22 -5.61 0.67
N CYS A 39 2.11 -4.85 0.68
CA CYS A 39 2.15 -3.41 0.96
C CYS A 39 1.31 -3.00 2.18
N LYS A 40 0.29 -3.80 2.51
CA LYS A 40 -0.71 -3.62 3.58
C LYS A 40 -0.13 -2.99 4.86
N PRO A 41 -0.33 -1.68 5.10
CA PRO A 41 0.26 -0.91 6.21
C PRO A 41 -0.08 -1.29 7.68
N GLN A 42 -0.63 -2.49 7.88
CA GLN A 42 -0.97 -3.10 9.17
C GLN A 42 -1.20 -4.62 9.01
N VAL A 43 -0.67 -5.42 9.94
CA VAL A 43 -0.79 -6.90 9.92
C VAL A 43 -1.09 -7.45 11.34
N THR A 44 -1.95 -6.76 12.08
CA THR A 44 -2.44 -7.15 13.41
C THR A 44 -3.19 -8.50 13.36
N ARG A 45 -2.81 -9.44 14.23
CA ARG A 45 -3.33 -10.84 14.27
C ARG A 45 -3.69 -11.34 15.68
N GLY A 46 -3.60 -10.50 16.70
CA GLY A 46 -3.91 -10.83 18.11
C GLY A 46 -2.75 -11.49 18.89
N ASP A 47 -1.60 -11.68 18.25
CA ASP A 47 -0.41 -12.34 18.82
C ASP A 47 0.91 -11.63 18.40
N VAL A 48 0.78 -10.38 17.93
CA VAL A 48 1.84 -9.54 17.33
C VAL A 48 1.49 -8.05 17.45
N PHE A 49 2.48 -7.17 17.32
CA PHE A 49 2.30 -5.71 17.31
C PHE A 49 1.35 -5.22 16.20
N THR A 50 0.77 -4.02 16.39
CA THR A 50 -0.29 -3.43 15.54
C THR A 50 0.20 -2.83 14.21
N MET A 51 1.43 -3.13 13.78
CA MET A 51 2.02 -2.72 12.49
C MET A 51 2.95 -3.81 11.93
N ASP A 1 1.84 -2.72 -18.11
CA ASP A 1 3.05 -2.76 -17.25
C ASP A 1 2.67 -3.09 -15.80
N GLN A 2 3.57 -3.75 -15.06
CA GLN A 2 3.37 -4.17 -13.66
C GLN A 2 4.60 -3.84 -12.81
N GLU A 3 4.46 -3.92 -11.48
CA GLU A 3 5.42 -3.43 -10.48
C GLU A 3 5.39 -4.26 -9.17
N SER A 4 6.26 -3.90 -8.21
CA SER A 4 6.30 -4.48 -6.86
C SER A 4 6.56 -3.42 -5.80
N CYS A 5 5.98 -3.61 -4.61
CA CYS A 5 6.10 -2.69 -3.48
C CYS A 5 7.44 -2.74 -2.72
N LYS A 6 8.35 -3.68 -3.06
CA LYS A 6 9.58 -3.97 -2.29
C LYS A 6 10.60 -2.81 -2.37
N GLY A 7 10.36 -1.78 -1.56
CA GLY A 7 11.06 -0.49 -1.55
C GLY A 7 10.15 0.75 -1.47
N ARG A 8 8.81 0.58 -1.44
CA ARG A 8 7.81 1.67 -1.57
C ARG A 8 6.68 1.71 -0.54
N CYS A 9 6.29 0.58 0.07
CA CYS A 9 5.12 0.47 0.93
C CYS A 9 4.93 1.58 1.98
N THR A 10 3.73 2.17 2.01
CA THR A 10 3.31 3.30 2.85
C THR A 10 4.20 4.55 2.72
N GLU A 11 4.74 4.81 1.51
CA GLU A 11 5.45 6.05 1.16
C GLU A 11 4.59 7.33 1.27
N GLY A 12 3.26 7.20 1.20
CA GLY A 12 2.27 8.27 1.14
C GLY A 12 1.57 8.27 -0.22
N PHE A 13 0.25 8.47 -0.22
CA PHE A 13 -0.57 8.36 -1.44
C PHE A 13 -0.29 9.50 -2.42
N ASN A 14 -0.25 9.14 -3.71
CA ASN A 14 -0.21 10.04 -4.86
C ASN A 14 -0.66 9.25 -6.09
N VAL A 15 -1.91 9.48 -6.51
CA VAL A 15 -2.58 8.70 -7.58
C VAL A 15 -1.86 8.67 -8.93
N ASP A 16 -0.91 9.58 -9.17
CA ASP A 16 -0.01 9.57 -10.32
C ASP A 16 1.01 8.41 -10.34
N LYS A 17 1.34 7.82 -9.17
CA LYS A 17 2.33 6.73 -9.05
C LYS A 17 1.82 5.41 -9.67
N LYS A 18 2.76 4.60 -10.18
CA LYS A 18 2.47 3.30 -10.82
C LYS A 18 1.74 2.31 -9.91
N CYS A 19 1.99 2.39 -8.60
CA CYS A 19 1.22 1.67 -7.58
C CYS A 19 0.73 2.63 -6.50
N GLN A 20 -0.46 2.34 -5.99
CA GLN A 20 -0.98 2.96 -4.79
C GLN A 20 -0.65 1.98 -3.68
N CYS A 21 0.65 1.82 -3.44
CA CYS A 21 1.28 1.08 -2.35
C CYS A 21 0.99 1.77 -0.97
N ASP A 22 -0.19 2.38 -0.79
CA ASP A 22 -0.51 3.28 0.33
C ASP A 22 -1.94 3.17 0.91
N GLU A 23 -2.17 3.93 1.98
CA GLU A 23 -3.34 3.88 2.89
C GLU A 23 -4.71 4.25 2.26
N LEU A 24 -4.74 4.75 1.01
CA LEU A 24 -5.94 5.23 0.31
C LEU A 24 -6.22 4.46 -1.00
N CYS A 25 -5.45 3.41 -1.32
CA CYS A 25 -5.50 2.75 -2.63
C CYS A 25 -6.85 2.16 -3.05
N SER A 26 -7.62 1.61 -2.10
CA SER A 26 -8.89 0.92 -2.38
C SER A 26 -9.95 1.88 -2.93
N TYR A 27 -10.00 3.11 -2.39
CA TYR A 27 -10.86 4.21 -2.84
C TYR A 27 -10.56 4.68 -4.30
N TYR A 28 -9.44 4.26 -4.89
CA TYR A 28 -9.08 4.49 -6.29
C TYR A 28 -9.00 3.21 -7.15
N GLN A 29 -9.26 2.03 -6.57
CA GLN A 29 -9.07 0.70 -7.20
C GLN A 29 -7.71 0.56 -7.92
N SER A 30 -6.65 1.18 -7.38
CA SER A 30 -5.33 1.37 -8.02
C SER A 30 -4.15 0.83 -7.20
N CYS A 31 -4.42 -0.05 -6.24
CA CYS A 31 -3.41 -0.70 -5.39
C CYS A 31 -2.37 -1.52 -6.18
N CYS A 32 -1.22 -1.80 -5.54
CA CYS A 32 -0.20 -2.74 -6.02
C CYS A 32 -0.79 -4.16 -6.22
N THR A 33 -0.11 -5.01 -7.00
CA THR A 33 -0.58 -6.34 -7.43
C THR A 33 -0.97 -7.32 -6.31
N ASP A 34 -0.43 -7.17 -5.10
CA ASP A 34 -0.67 -8.06 -3.95
C ASP A 34 -0.73 -7.29 -2.61
N TYR A 35 -1.37 -6.12 -2.62
CA TYR A 35 -1.42 -5.15 -1.52
C TYR A 35 -1.56 -5.76 -0.12
N THR A 36 -2.56 -6.60 0.10
CA THR A 36 -2.90 -7.15 1.43
C THR A 36 -1.84 -8.09 2.03
N ALA A 37 -0.87 -8.56 1.23
CA ALA A 37 0.22 -9.43 1.67
C ALA A 37 1.64 -8.86 1.46
N GLU A 38 1.81 -7.88 0.54
CA GLU A 38 3.12 -7.31 0.20
C GLU A 38 3.25 -5.79 0.44
N CYS A 39 2.14 -5.05 0.53
CA CYS A 39 2.15 -3.59 0.69
C CYS A 39 1.45 -3.08 1.97
N LYS A 40 0.67 -3.93 2.65
CA LYS A 40 -0.26 -3.61 3.74
C LYS A 40 0.33 -2.62 4.78
N PRO A 41 -0.20 -1.38 4.83
CA PRO A 41 0.10 -0.39 5.89
C PRO A 41 -0.19 -0.85 7.32
N GLN A 42 0.01 0.08 8.28
CA GLN A 42 -0.23 -0.10 9.72
C GLN A 42 -1.54 -0.85 10.07
N VAL A 43 -1.40 -1.85 10.95
CA VAL A 43 -2.50 -2.69 11.47
C VAL A 43 -3.03 -2.11 12.80
N THR A 44 -4.31 -2.35 13.10
CA THR A 44 -5.05 -1.88 14.29
C THR A 44 -4.29 -2.11 15.61
N ARG A 45 -4.28 -1.10 16.49
CA ARG A 45 -3.57 -1.12 17.79
C ARG A 45 -4.31 -0.26 18.84
N GLY A 46 -3.85 -0.33 20.09
CA GLY A 46 -4.34 0.48 21.22
C GLY A 46 -3.78 1.91 21.30
N ASP A 47 -3.15 2.38 20.22
CA ASP A 47 -2.56 3.73 20.06
C ASP A 47 -2.74 4.21 18.61
N VAL A 48 -2.77 5.53 18.38
CA VAL A 48 -3.14 6.14 17.09
C VAL A 48 -2.40 7.46 16.84
N PHE A 49 -2.36 7.90 15.57
CA PHE A 49 -1.67 9.10 15.09
C PHE A 49 -2.66 10.19 14.62
N THR A 50 -2.14 11.26 14.02
CA THR A 50 -2.93 12.39 13.46
C THR A 50 -3.80 12.04 12.24
N MET A 51 -3.57 10.87 11.62
CA MET A 51 -4.34 10.33 10.47
C MET A 51 -5.85 10.20 10.76
N ASP A 1 12.55 -4.92 -14.19
CA ASP A 1 12.16 -4.25 -12.92
C ASP A 1 10.64 -4.21 -12.78
N GLN A 2 10.15 -4.24 -11.53
CA GLN A 2 8.72 -4.26 -11.18
C GLN A 2 8.49 -3.59 -9.82
N GLU A 3 7.33 -2.95 -9.62
CA GLU A 3 6.97 -2.33 -8.33
C GLU A 3 6.70 -3.39 -7.24
N SER A 4 7.29 -3.18 -6.06
CA SER A 4 7.02 -3.92 -4.83
C SER A 4 7.20 -2.98 -3.63
N CYS A 5 6.49 -3.27 -2.52
CA CYS A 5 6.36 -2.37 -1.37
C CYS A 5 7.46 -2.47 -0.30
N LYS A 6 8.63 -3.05 -0.60
CA LYS A 6 9.65 -3.40 0.40
C LYS A 6 10.30 -2.14 1.00
N GLY A 7 9.79 -1.72 2.16
CA GLY A 7 10.15 -0.48 2.86
C GLY A 7 9.38 0.77 2.37
N ARG A 8 8.18 0.61 1.80
CA ARG A 8 7.45 1.70 1.10
C ARG A 8 5.99 1.95 1.49
N CYS A 9 5.30 1.00 2.12
CA CYS A 9 3.84 0.95 2.39
C CYS A 9 3.13 2.12 3.13
N THR A 10 3.77 3.28 3.23
CA THR A 10 3.27 4.55 3.79
C THR A 10 3.78 5.77 2.98
N GLU A 11 4.30 5.56 1.76
CA GLU A 11 5.00 6.57 0.93
C GLU A 11 4.16 7.79 0.49
N GLY A 12 2.83 7.71 0.61
CA GLY A 12 1.89 8.79 0.31
C GLY A 12 1.32 8.73 -1.12
N PHE A 13 0.05 9.10 -1.23
CA PHE A 13 -0.76 8.99 -2.44
C PHE A 13 -0.41 10.02 -3.53
N ASN A 14 -0.31 9.53 -4.76
CA ASN A 14 -0.21 10.28 -6.01
C ASN A 14 -0.66 9.35 -7.13
N VAL A 15 -1.91 9.49 -7.58
CA VAL A 15 -2.59 8.55 -8.49
C VAL A 15 -1.90 8.35 -9.87
N ASP A 16 -0.93 9.19 -10.22
CA ASP A 16 -0.05 9.02 -11.39
C ASP A 16 1.03 7.93 -11.24
N LYS A 17 1.36 7.48 -10.02
CA LYS A 17 2.40 6.47 -9.75
C LYS A 17 1.99 5.06 -10.25
N LYS A 18 2.99 4.22 -10.58
CA LYS A 18 2.83 2.85 -11.13
C LYS A 18 2.15 1.87 -10.16
N CYS A 19 2.22 2.14 -8.85
CA CYS A 19 1.46 1.48 -7.79
C CYS A 19 0.98 2.55 -6.81
N GLN A 20 -0.07 2.21 -6.07
CA GLN A 20 -0.53 2.99 -4.93
C GLN A 20 -0.23 2.15 -3.69
N CYS A 21 1.07 1.97 -3.47
CA CYS A 21 1.69 1.21 -2.39
C CYS A 21 1.56 2.00 -1.06
N ASP A 22 0.36 2.47 -0.71
CA ASP A 22 0.08 3.40 0.38
C ASP A 22 -1.31 3.20 1.01
N GLU A 23 -1.54 3.81 2.17
CA GLU A 23 -2.69 3.59 3.06
C GLU A 23 -4.09 3.84 2.46
N LEU A 24 -4.22 4.65 1.40
CA LEU A 24 -5.51 5.08 0.84
C LEU A 24 -5.97 4.28 -0.39
N CYS A 25 -5.19 3.29 -0.84
CA CYS A 25 -5.42 2.64 -2.13
C CYS A 25 -6.78 1.96 -2.39
N SER A 26 -7.52 1.60 -1.34
CA SER A 26 -8.89 1.05 -1.46
C SER A 26 -9.95 2.12 -1.79
N TYR A 27 -9.73 3.39 -1.43
CA TYR A 27 -10.65 4.51 -1.71
C TYR A 27 -10.73 4.89 -3.21
N TYR A 28 -9.64 4.67 -3.96
CA TYR A 28 -9.57 4.88 -5.42
C TYR A 28 -9.19 3.60 -6.22
N GLN A 29 -9.27 2.42 -5.59
CA GLN A 29 -9.12 1.08 -6.17
C GLN A 29 -7.90 0.88 -7.11
N SER A 30 -6.71 1.38 -6.74
CA SER A 30 -5.51 1.38 -7.61
C SER A 30 -4.23 0.85 -6.93
N CYS A 31 -4.38 0.01 -5.91
CA CYS A 31 -3.29 -0.62 -5.14
C CYS A 31 -2.24 -1.38 -6.00
N CYS A 32 -1.07 -1.68 -5.41
CA CYS A 32 -0.08 -2.59 -5.99
C CYS A 32 -0.70 -3.96 -6.32
N THR A 33 -0.15 -4.64 -7.34
CA THR A 33 -0.64 -5.92 -7.88
C THR A 33 -0.69 -7.09 -6.88
N ASP A 34 -0.03 -6.96 -5.73
CA ASP A 34 -0.02 -7.95 -4.63
C ASP A 34 -0.31 -7.31 -3.26
N TYR A 35 -0.92 -6.12 -3.17
CA TYR A 35 -1.15 -5.36 -1.92
C TYR A 35 -1.55 -6.21 -0.70
N THR A 36 -2.56 -7.07 -0.81
CA THR A 36 -3.07 -7.91 0.29
C THR A 36 -2.14 -9.02 0.77
N ALA A 37 -1.01 -9.25 0.08
CA ALA A 37 0.05 -10.18 0.47
C ALA A 37 1.43 -9.50 0.68
N GLU A 38 1.73 -8.42 -0.07
CA GLU A 38 3.05 -7.80 -0.14
C GLU A 38 3.13 -6.33 0.28
N CYS A 39 2.01 -5.59 0.33
CA CYS A 39 2.01 -4.15 0.69
C CYS A 39 1.16 -3.80 1.93
N LYS A 40 0.34 -4.75 2.44
CA LYS A 40 -0.58 -4.58 3.57
C LYS A 40 0.09 -3.89 4.78
N PRO A 41 -0.30 -2.64 5.11
CA PRO A 41 0.26 -1.87 6.22
C PRO A 41 -0.25 -2.37 7.58
N GLN A 42 0.18 -1.72 8.67
CA GLN A 42 -0.20 -2.02 10.06
C GLN A 42 -1.66 -1.63 10.38
N VAL A 43 -2.62 -2.34 9.78
CA VAL A 43 -4.09 -2.15 9.91
C VAL A 43 -4.68 -2.64 11.24
N THR A 44 -3.97 -2.42 12.35
CA THR A 44 -4.38 -2.70 13.73
C THR A 44 -5.48 -1.74 14.24
N ARG A 45 -5.80 -1.78 15.54
CA ARG A 45 -6.80 -0.92 16.23
C ARG A 45 -6.68 0.58 15.93
N GLY A 46 -5.46 1.08 15.69
CA GLY A 46 -5.20 2.48 15.32
C GLY A 46 -5.11 3.45 16.51
N ASP A 47 -5.00 2.92 17.74
CA ASP A 47 -4.83 3.71 18.98
C ASP A 47 -3.39 4.24 19.21
N VAL A 48 -2.52 3.99 18.23
CA VAL A 48 -1.10 4.37 18.15
C VAL A 48 -0.73 4.75 16.71
N PHE A 49 0.42 5.40 16.52
CA PHE A 49 0.88 5.92 15.21
C PHE A 49 2.32 5.54 14.84
N THR A 50 3.16 5.19 15.81
CA THR A 50 4.52 4.66 15.59
C THR A 50 4.50 3.23 15.00
N MET A 51 5.53 2.89 14.21
CA MET A 51 5.70 1.60 13.51
C MET A 51 7.18 1.23 13.37
N ASP A 1 5.89 -4.04 -15.18
CA ASP A 1 4.43 -4.31 -15.17
C ASP A 1 3.92 -4.52 -13.75
N GLN A 2 4.13 -5.70 -13.15
CA GLN A 2 3.87 -5.96 -11.73
C GLN A 2 4.88 -5.23 -10.81
N GLU A 3 4.58 -5.16 -9.50
CA GLU A 3 5.42 -4.52 -8.48
C GLU A 3 5.38 -5.27 -7.13
N SER A 4 6.44 -5.11 -6.35
CA SER A 4 6.61 -5.63 -4.99
C SER A 4 6.88 -4.49 -4.01
N CYS A 5 6.51 -4.66 -2.74
CA CYS A 5 6.52 -3.57 -1.76
C CYS A 5 7.83 -3.32 -1.01
N LYS A 6 8.85 -4.17 -1.19
CA LYS A 6 10.08 -4.16 -0.40
C LYS A 6 10.95 -2.92 -0.66
N GLY A 7 10.67 -1.89 0.12
CA GLY A 7 11.21 -0.52 0.00
C GLY A 7 10.17 0.59 -0.25
N ARG A 8 8.85 0.28 -0.25
CA ARG A 8 7.76 1.18 -0.69
C ARG A 8 6.54 1.29 0.24
N CYS A 9 6.24 0.28 1.06
CA CYS A 9 5.02 0.29 1.89
C CYS A 9 4.84 1.57 2.73
N THR A 10 3.67 2.20 2.60
CA THR A 10 3.28 3.47 3.25
C THR A 10 4.15 4.67 2.82
N GLU A 11 4.68 4.67 1.59
CA GLU A 11 5.44 5.79 1.00
C GLU A 11 4.67 7.12 0.86
N GLY A 12 3.33 7.07 0.89
CA GLY A 12 2.43 8.22 0.76
C GLY A 12 1.68 8.26 -0.57
N PHE A 13 0.51 8.88 -0.56
CA PHE A 13 -0.40 8.94 -1.72
C PHE A 13 0.04 9.92 -2.81
N ASN A 14 -0.17 9.49 -4.05
CA ASN A 14 -0.09 10.24 -5.30
C ASN A 14 -0.99 9.46 -6.27
N VAL A 15 -2.03 10.10 -6.78
CA VAL A 15 -3.05 9.41 -7.58
C VAL A 15 -2.59 9.05 -9.01
N ASP A 16 -1.44 9.57 -9.45
CA ASP A 16 -0.87 9.32 -10.78
C ASP A 16 -0.01 8.04 -10.88
N LYS A 17 0.70 7.64 -9.81
CA LYS A 17 1.64 6.50 -9.83
C LYS A 17 0.93 5.13 -9.87
N LYS A 18 1.56 4.16 -10.54
CA LYS A 18 0.98 2.82 -10.87
C LYS A 18 0.78 1.90 -9.66
N CYS A 19 1.64 2.00 -8.63
CA CYS A 19 1.45 1.33 -7.35
C CYS A 19 1.07 2.35 -6.29
N GLN A 20 -0.17 2.29 -5.83
CA GLN A 20 -0.61 3.05 -4.66
C GLN A 20 -0.30 2.19 -3.43
N CYS A 21 0.99 2.10 -3.16
CA CYS A 21 1.61 1.36 -2.05
C CYS A 21 1.37 2.09 -0.70
N ASP A 22 0.20 2.70 -0.53
CA ASP A 22 -0.15 3.64 0.54
C ASP A 22 -1.63 3.56 1.01
N GLU A 23 -1.96 4.38 2.01
CA GLU A 23 -3.21 4.36 2.79
C GLU A 23 -4.52 4.63 2.03
N LEU A 24 -4.49 5.27 0.86
CA LEU A 24 -5.70 5.72 0.13
C LEU A 24 -6.01 4.88 -1.13
N CYS A 25 -5.22 3.85 -1.42
CA CYS A 25 -5.32 3.10 -2.67
C CYS A 25 -6.66 2.38 -2.91
N SER A 26 -7.33 1.89 -1.85
CA SER A 26 -8.58 1.13 -1.94
C SER A 26 -9.73 1.96 -2.51
N TYR A 27 -9.77 3.25 -2.19
CA TYR A 27 -10.69 4.27 -2.72
C TYR A 27 -10.53 4.51 -4.25
N TYR A 28 -9.42 4.06 -4.86
CA TYR A 28 -9.17 4.12 -6.32
C TYR A 28 -8.99 2.75 -6.99
N GLN A 29 -8.87 1.66 -6.20
CA GLN A 29 -8.55 0.30 -6.65
C GLN A 29 -7.22 0.23 -7.46
N SER A 30 -6.24 1.07 -7.10
CA SER A 30 -4.96 1.26 -7.82
C SER A 30 -3.72 0.86 -6.98
N CYS A 31 -3.94 0.06 -5.93
CA CYS A 31 -2.89 -0.50 -5.07
C CYS A 31 -1.87 -1.39 -5.82
N CYS A 32 -0.70 -1.65 -5.21
CA CYS A 32 0.27 -2.68 -5.66
C CYS A 32 -0.41 -3.98 -6.16
N THR A 33 0.19 -4.65 -7.15
CA THR A 33 -0.34 -5.88 -7.76
C THR A 33 -0.50 -7.09 -6.82
N ASP A 34 0.06 -7.03 -5.60
CA ASP A 34 -0.16 -8.00 -4.52
C ASP A 34 -0.38 -7.32 -3.14
N TYR A 35 -0.89 -6.09 -3.14
CA TYR A 35 -1.08 -5.21 -1.95
C TYR A 35 -1.53 -5.93 -0.69
N THR A 36 -2.56 -6.78 -0.75
CA THR A 36 -3.19 -7.44 0.41
C THR A 36 -2.27 -8.45 1.13
N ALA A 37 -1.12 -8.80 0.55
CA ALA A 37 -0.06 -9.58 1.20
C ALA A 37 1.29 -8.84 1.27
N GLU A 38 1.63 -8.03 0.25
CA GLU A 38 2.93 -7.34 0.16
C GLU A 38 2.96 -5.96 0.84
N CYS A 39 1.87 -5.17 0.80
CA CYS A 39 1.88 -3.76 1.22
C CYS A 39 0.91 -3.43 2.37
N LYS A 40 -0.01 -4.35 2.69
CA LYS A 40 -1.12 -4.21 3.65
C LYS A 40 -0.73 -3.46 4.95
N PRO A 41 -1.17 -2.21 5.13
CA PRO A 41 -0.97 -1.43 6.35
C PRO A 41 -1.42 -2.17 7.63
N GLN A 42 -0.76 -1.89 8.75
CA GLN A 42 -1.18 -2.39 10.07
C GLN A 42 -2.53 -1.76 10.50
N VAL A 43 -3.38 -2.55 11.16
CA VAL A 43 -4.71 -2.14 11.66
C VAL A 43 -5.01 -2.70 13.06
N THR A 44 -3.95 -2.89 13.86
CA THR A 44 -3.98 -3.56 15.17
C THR A 44 -2.94 -3.02 16.17
N ARG A 45 -2.63 -1.72 16.05
CA ARG A 45 -1.65 -0.99 16.88
C ARG A 45 -2.28 0.21 17.61
N GLY A 46 -1.63 0.65 18.70
CA GLY A 46 -2.08 1.77 19.52
C GLY A 46 -1.55 3.14 19.06
N ASP A 47 -0.44 3.17 18.30
CA ASP A 47 0.21 4.40 17.82
C ASP A 47 1.03 4.15 16.53
N VAL A 48 1.36 5.21 15.79
CA VAL A 48 2.23 5.19 14.60
C VAL A 48 3.73 5.04 14.94
N PHE A 49 4.03 4.32 16.01
CA PHE A 49 5.38 4.09 16.56
C PHE A 49 5.53 2.73 17.26
N THR A 50 4.44 2.18 17.84
CA THR A 50 4.41 0.87 18.53
C THR A 50 4.31 -0.33 17.57
N MET A 51 4.82 -0.17 16.33
CA MET A 51 4.82 -1.11 15.19
C MET A 51 5.06 -2.58 15.56
N ASP A 1 12.13 -7.17 -16.27
CA ASP A 1 11.78 -6.05 -15.36
C ASP A 1 10.80 -6.51 -14.26
N GLN A 2 10.65 -5.72 -13.20
CA GLN A 2 9.78 -5.99 -12.05
C GLN A 2 9.06 -4.73 -11.55
N GLU A 3 7.94 -4.91 -10.85
CA GLU A 3 7.03 -3.84 -10.39
C GLU A 3 6.32 -4.27 -9.09
N SER A 4 6.99 -4.09 -7.94
CA SER A 4 6.52 -4.54 -6.62
C SER A 4 6.78 -3.53 -5.50
N CYS A 5 6.26 -3.75 -4.29
CA CYS A 5 6.26 -2.75 -3.21
C CYS A 5 7.60 -2.44 -2.54
N LYS A 6 8.67 -3.20 -2.82
CA LYS A 6 9.94 -3.13 -2.07
C LYS A 6 10.69 -1.81 -2.29
N GLY A 7 10.45 -0.88 -1.36
CA GLY A 7 10.91 0.51 -1.36
C GLY A 7 9.79 1.58 -1.34
N ARG A 8 8.51 1.18 -1.33
CA ARG A 8 7.33 2.06 -1.53
C ARG A 8 6.17 1.89 -0.53
N CYS A 9 6.05 0.75 0.13
CA CYS A 9 5.00 0.50 1.13
C CYS A 9 4.86 1.61 2.20
N THR A 10 3.62 2.09 2.40
CA THR A 10 3.22 3.21 3.29
C THR A 10 3.93 4.55 2.98
N GLU A 11 4.42 4.77 1.75
CA GLU A 11 5.09 6.03 1.36
C GLU A 11 4.20 7.29 1.42
N GLY A 12 2.88 7.11 1.31
CA GLY A 12 1.88 8.18 1.16
C GLY A 12 1.15 8.08 -0.19
N PHE A 13 -0.01 8.72 -0.29
CA PHE A 13 -0.84 8.66 -1.50
C PHE A 13 -0.23 9.41 -2.69
N ASN A 14 -0.08 8.69 -3.81
CA ASN A 14 0.48 9.16 -5.08
C ASN A 14 -0.18 8.44 -6.26
N VAL A 15 -1.40 8.86 -6.66
CA VAL A 15 -2.13 8.28 -7.80
C VAL A 15 -1.41 8.46 -9.15
N ASP A 16 -0.42 9.35 -9.20
CA ASP A 16 0.48 9.62 -10.33
C ASP A 16 1.59 8.56 -10.55
N LYS A 17 1.73 7.57 -9.65
CA LYS A 17 2.77 6.51 -9.72
C LYS A 17 2.20 5.13 -10.02
N LYS A 18 3.09 4.16 -10.29
CA LYS A 18 2.76 2.81 -10.80
C LYS A 18 2.16 1.85 -9.76
N CYS A 19 2.21 2.23 -8.48
CA CYS A 19 1.49 1.59 -7.39
C CYS A 19 0.95 2.68 -6.46
N GLN A 20 -0.17 2.37 -5.83
CA GLN A 20 -0.74 3.15 -4.74
C GLN A 20 -0.49 2.32 -3.47
N CYS A 21 0.79 2.13 -3.17
CA CYS A 21 1.33 1.37 -2.05
C CYS A 21 1.04 2.07 -0.69
N ASP A 22 -0.18 2.57 -0.48
CA ASP A 22 -0.56 3.46 0.62
C ASP A 22 -1.99 3.26 1.17
N GLU A 23 -2.33 4.05 2.20
CA GLU A 23 -3.55 4.00 3.01
C GLU A 23 -4.87 4.24 2.26
N LEU A 24 -4.85 4.83 1.05
CA LEU A 24 -6.04 5.31 0.33
C LEU A 24 -6.33 4.54 -0.97
N CYS A 25 -5.47 3.61 -1.38
CA CYS A 25 -5.68 2.88 -2.65
C CYS A 25 -6.99 2.08 -2.73
N SER A 26 -7.51 1.59 -1.59
CA SER A 26 -8.76 0.81 -1.49
C SER A 26 -10.03 1.60 -1.83
N TYR A 27 -9.92 2.92 -2.01
CA TYR A 27 -10.98 3.80 -2.53
C TYR A 27 -10.81 4.04 -4.04
N TYR A 28 -9.58 4.26 -4.53
CA TYR A 28 -9.27 4.44 -5.96
C TYR A 28 -9.32 3.15 -6.80
N GLN A 29 -9.14 1.98 -6.17
CA GLN A 29 -8.97 0.64 -6.79
C GLN A 29 -7.67 0.46 -7.62
N SER A 30 -6.81 1.48 -7.69
CA SER A 30 -5.57 1.51 -8.51
C SER A 30 -4.37 0.75 -7.90
N CYS A 31 -4.55 0.18 -6.71
CA CYS A 31 -3.52 -0.40 -5.85
C CYS A 31 -2.53 -1.41 -6.47
N CYS A 32 -1.40 -1.64 -5.75
CA CYS A 32 -0.45 -2.71 -6.06
C CYS A 32 -1.16 -4.09 -6.15
N THR A 33 -0.75 -4.91 -7.13
CA THR A 33 -1.42 -6.17 -7.53
C THR A 33 -1.49 -7.27 -6.45
N ASP A 34 -0.74 -7.12 -5.35
CA ASP A 34 -0.72 -8.03 -4.20
C ASP A 34 -0.72 -7.26 -2.86
N TYR A 35 -1.29 -6.05 -2.84
CA TYR A 35 -1.28 -5.09 -1.72
C TYR A 35 -1.40 -5.71 -0.33
N THR A 36 -2.38 -6.59 -0.11
CA THR A 36 -2.68 -7.17 1.22
C THR A 36 -1.56 -8.07 1.77
N ALA A 37 -0.56 -8.44 0.98
CA ALA A 37 0.65 -9.13 1.42
C ALA A 37 1.95 -8.36 1.11
N GLU A 38 2.06 -7.72 -0.05
CA GLU A 38 3.25 -6.97 -0.46
C GLU A 38 3.34 -5.56 0.14
N CYS A 39 2.22 -4.86 0.33
CA CYS A 39 2.20 -3.43 0.67
C CYS A 39 1.55 -3.06 2.02
N LYS A 40 0.68 -3.91 2.58
CA LYS A 40 -0.22 -3.71 3.73
C LYS A 40 0.19 -2.57 4.72
N PRO A 41 -0.27 -1.33 4.48
CA PRO A 41 -0.16 -0.20 5.41
C PRO A 41 -1.33 -0.25 6.43
N GLN A 42 -1.58 0.87 7.12
CA GLN A 42 -2.80 1.04 7.93
C GLN A 42 -4.03 0.81 7.03
N VAL A 43 -4.94 -0.09 7.45
CA VAL A 43 -6.06 -0.61 6.63
C VAL A 43 -7.35 -0.75 7.44
N THR A 44 -8.47 -1.07 6.79
CA THR A 44 -9.81 -1.18 7.40
C THR A 44 -9.88 -2.15 8.58
N ARG A 45 -10.62 -1.74 9.63
CA ARG A 45 -10.97 -2.54 10.82
C ARG A 45 -12.31 -3.27 10.66
N GLY A 46 -13.24 -2.69 9.90
CA GLY A 46 -14.56 -3.27 9.60
C GLY A 46 -15.56 -2.25 9.03
N ASP A 47 -15.55 -1.03 9.56
CA ASP A 47 -16.40 0.11 9.11
C ASP A 47 -15.66 1.47 9.11
N VAL A 48 -14.36 1.43 9.42
CA VAL A 48 -13.40 2.55 9.50
C VAL A 48 -12.00 2.05 9.16
N PHE A 49 -11.04 2.95 8.93
CA PHE A 49 -9.62 2.60 8.68
C PHE A 49 -8.59 3.47 9.42
N THR A 50 -9.01 4.60 9.99
CA THR A 50 -8.14 5.52 10.76
C THR A 50 -7.69 4.93 12.11
N MET A 51 -6.58 5.44 12.64
CA MET A 51 -5.97 5.05 13.92
C MET A 51 -5.19 6.21 14.56
N ASP A 1 11.91 -8.06 -14.95
CA ASP A 1 11.86 -8.94 -13.76
C ASP A 1 10.45 -8.93 -13.15
N GLN A 2 10.19 -8.12 -12.11
CA GLN A 2 8.88 -7.89 -11.49
C GLN A 2 8.85 -6.51 -10.78
N GLU A 3 7.71 -6.17 -10.17
CA GLU A 3 7.52 -4.94 -9.37
C GLU A 3 6.74 -5.27 -8.09
N SER A 4 7.25 -4.81 -6.94
CA SER A 4 6.73 -5.10 -5.59
C SER A 4 7.03 -3.95 -4.62
N CYS A 5 6.19 -3.82 -3.58
CA CYS A 5 6.25 -2.72 -2.60
C CYS A 5 7.35 -2.86 -1.52
N LYS A 6 8.00 -4.01 -1.38
CA LYS A 6 8.89 -4.31 -0.23
C LYS A 6 10.16 -3.46 -0.26
N GLY A 7 10.11 -2.38 0.53
CA GLY A 7 11.07 -1.27 0.57
C GLY A 7 10.45 0.13 0.48
N ARG A 8 9.14 0.28 0.19
CA ARG A 8 8.48 1.56 -0.13
C ARG A 8 7.14 1.83 0.58
N CYS A 9 6.41 0.79 0.98
CA CYS A 9 5.05 0.88 1.54
C CYS A 9 4.80 1.98 2.59
N THR A 10 3.55 2.49 2.57
CA THR A 10 3.02 3.53 3.49
C THR A 10 3.68 4.91 3.29
N GLU A 11 4.22 5.16 2.09
CA GLU A 11 4.92 6.40 1.70
C GLU A 11 4.04 7.65 1.53
N GLY A 12 2.71 7.49 1.50
CA GLY A 12 1.74 8.52 1.15
C GLY A 12 1.30 8.41 -0.31
N PHE A 13 -0.01 8.44 -0.54
CA PHE A 13 -0.65 8.17 -1.83
C PHE A 13 -0.41 9.26 -2.88
N ASN A 14 -0.25 8.82 -4.14
CA ASN A 14 -0.22 9.66 -5.34
C ASN A 14 -0.69 8.80 -6.54
N VAL A 15 -1.85 9.14 -7.12
CA VAL A 15 -2.52 8.31 -8.14
C VAL A 15 -1.86 8.35 -9.53
N ASP A 16 -0.88 9.23 -9.75
CA ASP A 16 -0.07 9.28 -10.98
C ASP A 16 1.04 8.21 -11.04
N LYS A 17 1.46 7.67 -9.88
CA LYS A 17 2.57 6.71 -9.75
C LYS A 17 2.23 5.30 -10.26
N LYS A 18 3.26 4.45 -10.41
CA LYS A 18 3.15 3.08 -10.97
C LYS A 18 2.52 2.07 -9.99
N CYS A 19 2.51 2.41 -8.70
CA CYS A 19 1.76 1.73 -7.65
C CYS A 19 1.22 2.80 -6.70
N GLN A 20 0.08 2.51 -6.09
CA GLN A 20 -0.50 3.33 -5.03
C GLN A 20 -0.27 2.59 -3.71
N CYS A 21 1.00 2.33 -3.41
CA CYS A 21 1.51 1.54 -2.28
C CYS A 21 1.25 2.18 -0.88
N ASP A 22 0.06 2.75 -0.67
CA ASP A 22 -0.34 3.53 0.51
C ASP A 22 -1.83 3.36 0.86
N GLU A 23 -2.21 3.78 2.06
CA GLU A 23 -3.50 3.55 2.73
C GLU A 23 -4.77 3.90 1.92
N LEU A 24 -4.76 4.94 1.08
CA LEU A 24 -5.94 5.40 0.32
C LEU A 24 -6.30 4.52 -0.90
N CYS A 25 -5.41 3.63 -1.34
CA CYS A 25 -5.62 2.90 -2.60
C CYS A 25 -6.85 1.97 -2.59
N SER A 26 -7.30 1.51 -1.42
CA SER A 26 -8.50 0.68 -1.24
C SER A 26 -9.82 1.42 -1.54
N TYR A 27 -9.78 2.74 -1.65
CA TYR A 27 -10.88 3.58 -2.14
C TYR A 27 -10.77 3.85 -3.66
N TYR A 28 -9.56 4.16 -4.17
CA TYR A 28 -9.32 4.44 -5.60
C TYR A 28 -9.28 3.20 -6.51
N GLN A 29 -9.17 1.98 -5.96
CA GLN A 29 -9.04 0.70 -6.68
C GLN A 29 -7.79 0.58 -7.59
N SER A 30 -6.77 1.42 -7.37
CA SER A 30 -5.60 1.62 -8.23
C SER A 30 -4.32 0.90 -7.76
N CYS A 31 -4.37 0.25 -6.59
CA CYS A 31 -3.24 -0.31 -5.86
C CYS A 31 -2.35 -1.34 -6.59
N CYS A 32 -1.17 -1.60 -5.99
CA CYS A 32 -0.29 -2.72 -6.37
C CYS A 32 -1.06 -4.06 -6.39
N THR A 33 -0.67 -4.98 -7.27
CA THR A 33 -1.39 -6.23 -7.60
C THR A 33 -1.71 -7.13 -6.41
N ASP A 34 -0.95 -7.03 -5.32
CA ASP A 34 -1.05 -7.88 -4.12
C ASP A 34 -1.00 -7.07 -2.81
N TYR A 35 -1.46 -5.81 -2.80
CA TYR A 35 -1.44 -4.90 -1.63
C TYR A 35 -1.61 -5.58 -0.27
N THR A 36 -2.71 -6.31 -0.03
CA THR A 36 -3.06 -6.90 1.26
C THR A 36 -2.12 -8.04 1.73
N ALA A 37 -1.19 -8.49 0.88
CA ALA A 37 -0.17 -9.49 1.21
C ALA A 37 1.28 -8.99 1.04
N GLU A 38 1.54 -8.07 0.09
CA GLU A 38 2.89 -7.66 -0.33
C GLU A 38 3.18 -6.16 -0.15
N CYS A 39 2.16 -5.32 0.03
CA CYS A 39 2.31 -3.88 0.25
C CYS A 39 1.70 -3.38 1.59
N LYS A 40 1.14 -4.30 2.38
CA LYS A 40 0.37 -4.02 3.59
C LYS A 40 1.24 -3.33 4.67
N PRO A 41 0.83 -2.14 5.15
CA PRO A 41 1.43 -1.47 6.31
C PRO A 41 1.66 -2.44 7.49
N GLN A 42 2.90 -2.59 7.94
CA GLN A 42 3.29 -3.63 8.91
C GLN A 42 2.63 -3.44 10.28
N VAL A 43 2.07 -4.52 10.84
CA VAL A 43 1.57 -4.58 12.22
C VAL A 43 2.77 -4.70 13.17
N THR A 44 3.21 -3.56 13.73
CA THR A 44 4.40 -3.48 14.61
C THR A 44 4.27 -4.30 15.91
N ARG A 45 5.42 -4.56 16.54
CA ARG A 45 5.57 -5.30 17.80
C ARG A 45 6.58 -4.68 18.78
N GLY A 46 7.39 -3.72 18.33
CA GLY A 46 8.41 -3.02 19.15
C GLY A 46 9.58 -3.90 19.64
N ASP A 47 9.76 -5.10 19.08
CA ASP A 47 10.73 -6.11 19.55
C ASP A 47 11.35 -6.92 18.37
N VAL A 48 11.33 -6.35 17.15
CA VAL A 48 11.78 -6.98 15.90
C VAL A 48 12.57 -6.00 15.02
N PHE A 49 13.50 -6.52 14.22
CA PHE A 49 14.33 -5.73 13.30
C PHE A 49 13.56 -5.21 12.06
N THR A 50 12.47 -5.89 11.68
CA THR A 50 11.70 -5.64 10.45
C THR A 50 10.85 -4.37 10.45
N MET A 51 10.59 -3.76 11.61
CA MET A 51 9.71 -2.58 11.78
C MET A 51 10.22 -1.64 12.88
N ASP A 1 8.96 1.69 -17.27
CA ASP A 1 9.18 1.90 -15.82
C ASP A 1 7.98 1.38 -15.01
N GLN A 2 8.25 0.90 -13.79
CA GLN A 2 7.28 0.26 -12.89
C GLN A 2 7.64 0.49 -11.41
N GLU A 3 6.78 0.05 -10.49
CA GLU A 3 6.95 0.15 -9.03
C GLU A 3 6.52 -1.15 -8.32
N SER A 4 7.03 -1.37 -7.11
CA SER A 4 6.68 -2.50 -6.23
C SER A 4 6.84 -2.13 -4.75
N CYS A 5 6.36 -2.99 -3.84
CA CYS A 5 6.44 -2.77 -2.39
C CYS A 5 7.85 -2.80 -1.78
N LYS A 6 8.89 -3.20 -2.52
CA LYS A 6 10.23 -3.50 -1.98
C LYS A 6 10.93 -2.25 -1.44
N GLY A 7 10.90 -2.14 -0.10
CA GLY A 7 11.39 -1.01 0.68
C GLY A 7 10.60 0.30 0.49
N ARG A 8 9.29 0.24 0.18
CA ARG A 8 8.50 1.42 -0.24
C ARG A 8 7.13 1.60 0.39
N CYS A 9 6.36 0.52 0.65
CA CYS A 9 5.01 0.61 1.19
C CYS A 9 4.80 1.56 2.40
N THR A 10 3.68 2.28 2.35
CA THR A 10 3.26 3.38 3.24
C THR A 10 4.07 4.69 3.00
N GLU A 11 4.68 4.84 1.81
CA GLU A 11 5.37 6.08 1.39
C GLU A 11 4.48 7.33 1.27
N GLY A 12 3.18 7.15 1.02
CA GLY A 12 2.19 8.22 0.85
C GLY A 12 1.44 8.13 -0.50
N PHE A 13 0.24 8.71 -0.55
CA PHE A 13 -0.67 8.62 -1.70
C PHE A 13 -0.33 9.59 -2.84
N ASN A 14 -0.30 9.06 -4.06
CA ASN A 14 -0.24 9.79 -5.33
C ASN A 14 -0.77 8.87 -6.44
N VAL A 15 -2.01 9.09 -6.89
CA VAL A 15 -2.73 8.22 -7.83
C VAL A 15 -2.17 8.25 -9.28
N ASP A 16 -1.26 9.18 -9.60
CA ASP A 16 -0.58 9.25 -10.90
C ASP A 16 0.56 8.20 -11.06
N LYS A 17 1.10 7.68 -9.95
CA LYS A 17 2.20 6.69 -9.96
C LYS A 17 1.77 5.28 -10.43
N LYS A 18 2.74 4.37 -10.58
CA LYS A 18 2.52 3.00 -11.10
C LYS A 18 1.98 2.04 -10.04
N CYS A 19 2.26 2.29 -8.76
CA CYS A 19 1.61 1.63 -7.62
C CYS A 19 1.11 2.68 -6.64
N GLN A 20 -0.01 2.36 -6.01
CA GLN A 20 -0.55 3.11 -4.89
C GLN A 20 -0.31 2.24 -3.65
N CYS A 21 0.98 2.05 -3.37
CA CYS A 21 1.54 1.32 -2.23
C CYS A 21 1.32 2.12 -0.91
N ASP A 22 0.09 2.58 -0.66
CA ASP A 22 -0.28 3.54 0.40
C ASP A 22 -1.65 3.29 1.05
N GLU A 23 -1.99 4.13 2.04
CA GLU A 23 -3.16 4.02 2.93
C GLU A 23 -4.53 4.37 2.30
N LEU A 24 -4.57 4.92 1.07
CA LEU A 24 -5.80 5.43 0.43
C LEU A 24 -6.15 4.73 -0.90
N CYS A 25 -5.28 3.83 -1.38
CA CYS A 25 -5.41 3.20 -2.69
C CYS A 25 -6.70 2.39 -2.91
N SER A 26 -7.27 1.79 -1.87
CA SER A 26 -8.45 0.91 -1.97
C SER A 26 -9.73 1.69 -2.28
N TYR A 27 -9.82 2.94 -1.82
CA TYR A 27 -10.85 3.92 -2.17
C TYR A 27 -10.79 4.35 -3.67
N TYR A 28 -9.64 4.16 -4.33
CA TYR A 28 -9.44 4.37 -5.77
C TYR A 28 -9.32 3.05 -6.58
N GLN A 29 -9.35 1.89 -5.92
CA GLN A 29 -9.07 0.56 -6.48
C GLN A 29 -7.76 0.50 -7.31
N SER A 30 -6.73 1.25 -6.89
CA SER A 30 -5.50 1.52 -7.64
C SER A 30 -4.23 0.84 -7.07
N CYS A 31 -4.37 0.12 -5.95
CA CYS A 31 -3.28 -0.47 -5.17
C CYS A 31 -2.27 -1.35 -5.97
N CYS A 32 -1.07 -1.52 -5.41
CA CYS A 32 -0.06 -2.49 -5.87
C CYS A 32 -0.66 -3.89 -6.18
N THR A 33 -0.07 -4.59 -7.15
CA THR A 33 -0.56 -5.88 -7.70
C THR A 33 -0.73 -7.00 -6.66
N ASP A 34 -0.01 -6.92 -5.53
CA ASP A 34 -0.04 -7.85 -4.40
C ASP A 34 -0.28 -7.12 -3.07
N TYR A 35 -0.97 -5.96 -3.10
CA TYR A 35 -1.20 -5.06 -1.96
C TYR A 35 -1.61 -5.79 -0.66
N THR A 36 -2.61 -6.67 -0.69
CA THR A 36 -3.10 -7.40 0.49
C THR A 36 -2.12 -8.42 1.07
N ALA A 37 -1.07 -8.80 0.34
CA ALA A 37 -0.05 -9.75 0.77
C ALA A 37 1.32 -9.09 1.06
N GLU A 38 1.60 -7.92 0.47
CA GLU A 38 2.89 -7.21 0.61
C GLU A 38 2.76 -5.80 1.22
N CYS A 39 1.88 -4.96 0.67
CA CYS A 39 1.83 -3.53 1.02
C CYS A 39 0.92 -3.17 2.20
N LYS A 40 -0.07 -4.03 2.50
CA LYS A 40 -1.20 -3.85 3.43
C LYS A 40 -0.89 -3.04 4.72
N PRO A 41 -1.24 -1.74 4.76
CA PRO A 41 -1.20 -0.90 5.96
C PRO A 41 -2.46 -1.17 6.82
N GLN A 42 -2.72 -0.35 7.84
CA GLN A 42 -4.00 -0.39 8.56
C GLN A 42 -5.18 -0.09 7.60
N VAL A 43 -6.26 -0.86 7.70
CA VAL A 43 -7.43 -0.83 6.79
C VAL A 43 -8.76 -0.77 7.58
N THR A 44 -8.75 0.00 8.67
CA THR A 44 -9.90 0.23 9.57
C THR A 44 -10.08 1.73 9.88
N ARG A 45 -11.29 2.11 10.31
CA ARG A 45 -11.71 3.51 10.57
C ARG A 45 -12.82 3.60 11.63
N GLY A 46 -13.22 4.83 11.97
CA GLY A 46 -14.38 5.13 12.81
C GLY A 46 -14.99 6.48 12.43
N ASP A 47 -14.42 7.56 12.94
CA ASP A 47 -14.83 8.95 12.67
C ASP A 47 -13.63 9.91 12.44
N VAL A 48 -12.45 9.32 12.17
CA VAL A 48 -11.16 10.00 11.96
C VAL A 48 -10.23 9.12 11.11
N PHE A 49 -9.32 9.75 10.35
CA PHE A 49 -8.46 9.08 9.36
C PHE A 49 -6.98 9.48 9.45
N THR A 50 -6.61 10.47 10.28
CA THR A 50 -5.22 10.86 10.55
C THR A 50 -4.43 9.82 11.37
N MET A 51 -5.15 8.99 12.16
CA MET A 51 -4.67 7.85 12.97
C MET A 51 -3.30 8.06 13.62
N ASP A 1 -3.64 -1.41 -14.43
CA ASP A 1 -2.15 -1.39 -14.38
C ASP A 1 -1.68 -1.20 -12.93
N GLN A 2 -0.80 -2.07 -12.46
CA GLN A 2 -0.27 -2.09 -11.08
C GLN A 2 1.25 -2.36 -11.08
N GLU A 3 1.90 -2.24 -9.92
CA GLU A 3 3.33 -2.53 -9.72
C GLU A 3 3.62 -3.06 -8.31
N SER A 4 4.75 -3.76 -8.13
CA SER A 4 5.19 -4.33 -6.84
C SER A 4 5.67 -3.27 -5.84
N CYS A 5 5.88 -3.66 -4.58
CA CYS A 5 6.13 -2.75 -3.45
C CYS A 5 7.46 -2.96 -2.70
N LYS A 6 8.44 -3.68 -3.27
CA LYS A 6 9.65 -4.12 -2.55
C LYS A 6 10.56 -2.93 -2.20
N GLY A 7 10.39 -2.40 -0.98
CA GLY A 7 11.08 -1.22 -0.43
C GLY A 7 10.31 0.11 -0.55
N ARG A 8 8.99 0.10 -0.79
CA ARG A 8 8.20 1.32 -1.12
C ARG A 8 6.96 1.55 -0.26
N CYS A 9 6.39 0.50 0.33
CA CYS A 9 5.10 0.53 1.03
C CYS A 9 4.96 1.62 2.11
N THR A 10 3.75 2.19 2.19
CA THR A 10 3.32 3.23 3.15
C THR A 10 4.03 4.59 2.93
N GLU A 11 4.50 4.86 1.71
CA GLU A 11 5.20 6.11 1.34
C GLU A 11 4.33 7.39 1.31
N GLY A 12 3.00 7.25 1.28
CA GLY A 12 2.04 8.32 1.03
C GLY A 12 1.32 8.16 -0.32
N PHE A 13 0.28 8.96 -0.56
CA PHE A 13 -0.59 8.84 -1.74
C PHE A 13 -0.23 9.88 -2.82
N ASN A 14 -0.16 9.41 -4.07
CA ASN A 14 0.01 10.22 -5.28
C ASN A 14 -0.51 9.41 -6.49
N VAL A 15 -1.79 9.60 -6.82
CA VAL A 15 -2.56 8.79 -7.79
C VAL A 15 -1.96 8.68 -9.21
N ASP A 16 -1.00 9.54 -9.57
CA ASP A 16 -0.23 9.44 -10.81
C ASP A 16 0.75 8.24 -10.87
N LYS A 17 1.22 7.74 -9.71
CA LYS A 17 2.21 6.64 -9.62
C LYS A 17 1.67 5.27 -10.08
N LYS A 18 2.58 4.41 -10.54
CA LYS A 18 2.31 3.05 -11.08
C LYS A 18 1.69 2.08 -10.07
N CYS A 19 1.83 2.37 -8.78
CA CYS A 19 1.11 1.71 -7.68
C CYS A 19 0.70 2.75 -6.65
N GLN A 20 -0.42 2.50 -6.00
CA GLN A 20 -0.83 3.23 -4.81
C GLN A 20 -0.46 2.31 -3.65
N CYS A 21 0.85 2.18 -3.45
CA CYS A 21 1.48 1.38 -2.41
C CYS A 21 1.27 2.00 -1.00
N ASP A 22 0.06 2.49 -0.69
CA ASP A 22 -0.27 3.29 0.48
C ASP A 22 -1.74 3.15 0.94
N GLU A 23 -2.09 3.74 2.09
CA GLU A 23 -3.36 3.57 2.83
C GLU A 23 -4.64 3.90 2.04
N LEU A 24 -4.60 4.88 1.12
CA LEU A 24 -5.79 5.39 0.41
C LEU A 24 -6.15 4.60 -0.87
N CYS A 25 -5.35 3.61 -1.29
CA CYS A 25 -5.57 2.91 -2.56
C CYS A 25 -6.91 2.17 -2.65
N SER A 26 -7.47 1.69 -1.53
CA SER A 26 -8.74 0.95 -1.47
C SER A 26 -9.98 1.82 -1.78
N TYR A 27 -9.79 3.12 -1.97
CA TYR A 27 -10.79 4.10 -2.43
C TYR A 27 -10.63 4.44 -3.94
N TYR A 28 -9.54 4.01 -4.58
CA TYR A 28 -9.24 4.20 -6.01
C TYR A 28 -9.09 2.88 -6.83
N GLN A 29 -8.99 1.73 -6.16
CA GLN A 29 -8.75 0.40 -6.74
C GLN A 29 -7.45 0.30 -7.58
N SER A 30 -6.43 1.07 -7.19
CA SER A 30 -5.16 1.30 -7.91
C SER A 30 -3.92 0.88 -7.09
N CYS A 31 -4.15 0.01 -6.09
CA CYS A 31 -3.16 -0.57 -5.18
C CYS A 31 -2.01 -1.35 -5.89
N CYS A 32 -1.02 -1.83 -5.12
CA CYS A 32 0.01 -2.76 -5.59
C CYS A 32 -0.57 -3.99 -6.32
N THR A 33 0.27 -4.71 -7.09
CA THR A 33 -0.09 -5.98 -7.74
C THR A 33 -0.58 -7.07 -6.75
N ASP A 34 -0.13 -7.02 -5.48
CA ASP A 34 -0.51 -7.97 -4.41
C ASP A 34 -0.64 -7.27 -3.03
N TYR A 35 -1.24 -6.08 -3.02
CA TYR A 35 -1.30 -5.15 -1.87
C TYR A 35 -1.63 -5.80 -0.52
N THR A 36 -2.66 -6.63 -0.44
CA THR A 36 -3.13 -7.26 0.81
C THR A 36 -2.16 -8.25 1.45
N ALA A 37 -1.12 -8.70 0.72
CA ALA A 37 -0.09 -9.60 1.24
C ALA A 37 1.35 -9.02 1.17
N GLU A 38 1.57 -7.89 0.49
CA GLU A 38 2.89 -7.26 0.33
C GLU A 38 2.99 -5.83 0.90
N CYS A 39 1.88 -5.06 0.88
CA CYS A 39 1.91 -3.62 1.19
C CYS A 39 1.02 -3.19 2.36
N LYS A 40 0.00 -4.00 2.72
CA LYS A 40 -1.08 -3.73 3.70
C LYS A 40 -0.58 -2.93 4.94
N PRO A 41 -0.79 -1.60 4.98
CA PRO A 41 -0.18 -0.73 5.98
C PRO A 41 -0.83 -0.87 7.37
N GLN A 42 -0.02 -0.65 8.41
CA GLN A 42 -0.32 -0.77 9.86
C GLN A 42 -1.47 -1.72 10.25
N VAL A 43 -1.47 -2.95 9.71
CA VAL A 43 -2.50 -3.97 9.95
C VAL A 43 -2.65 -4.28 11.46
N THR A 44 -3.89 -4.30 11.94
CA THR A 44 -4.24 -4.40 13.37
C THR A 44 -5.67 -4.92 13.58
N ARG A 45 -6.08 -5.14 14.85
CA ARG A 45 -7.39 -5.68 15.24
C ARG A 45 -8.57 -4.78 14.86
N GLY A 46 -9.77 -5.37 14.75
CA GLY A 46 -11.04 -4.70 14.41
C GLY A 46 -11.69 -3.92 15.56
N ASP A 47 -10.88 -3.27 16.39
CA ASP A 47 -11.27 -2.60 17.66
C ASP A 47 -10.50 -1.28 17.90
N VAL A 48 -9.75 -0.84 16.88
CA VAL A 48 -8.95 0.41 16.82
C VAL A 48 -9.01 1.02 15.41
N PHE A 49 -8.33 2.15 15.19
CA PHE A 49 -8.30 2.87 13.91
C PHE A 49 -6.88 3.36 13.54
N THR A 50 -6.68 3.73 12.26
CA THR A 50 -5.38 4.07 11.65
C THR A 50 -4.80 5.45 12.04
N MET A 51 -5.55 6.24 12.82
CA MET A 51 -5.14 7.55 13.37
C MET A 51 -3.82 7.53 14.17
N ASP A 1 13.80 -11.41 -12.54
CA ASP A 1 13.71 -10.31 -11.54
C ASP A 1 12.25 -9.86 -11.34
N GLN A 2 12.00 -9.10 -10.26
CA GLN A 2 10.66 -8.64 -9.84
C GLN A 2 10.75 -7.29 -9.09
N GLU A 3 9.65 -6.54 -9.06
CA GLU A 3 9.47 -5.33 -8.24
C GLU A 3 8.20 -5.46 -7.38
N SER A 4 8.23 -4.89 -6.17
CA SER A 4 7.19 -5.04 -5.13
C SER A 4 7.22 -3.87 -4.13
N CYS A 5 6.33 -3.92 -3.13
CA CYS A 5 6.25 -2.94 -2.05
C CYS A 5 7.45 -2.91 -1.07
N LYS A 6 8.47 -3.76 -1.23
CA LYS A 6 9.53 -3.94 -0.23
C LYS A 6 10.43 -2.70 -0.12
N GLY A 7 10.15 -1.87 0.88
CA GLY A 7 10.74 -0.54 1.09
C GLY A 7 9.83 0.65 0.71
N ARG A 8 8.53 0.42 0.46
CA ARG A 8 7.59 1.41 -0.12
C ARG A 8 6.24 1.60 0.60
N CYS A 9 5.72 0.60 1.31
CA CYS A 9 4.35 0.50 1.87
C CYS A 9 3.74 1.64 2.73
N THR A 10 4.40 2.79 2.87
CA THR A 10 3.89 4.02 3.53
C THR A 10 4.35 5.30 2.80
N GLU A 11 4.76 5.20 1.53
CA GLU A 11 5.36 6.29 0.73
C GLU A 11 4.48 7.53 0.49
N GLY A 12 3.17 7.40 0.71
CA GLY A 12 2.16 8.43 0.45
C GLY A 12 1.36 8.17 -0.84
N PHE A 13 0.25 8.89 -0.99
CA PHE A 13 -0.68 8.76 -2.11
C PHE A 13 -0.58 9.95 -3.07
N ASN A 14 -0.58 9.62 -4.36
CA ASN A 14 -0.69 10.53 -5.49
C ASN A 14 -1.08 9.67 -6.70
N VAL A 15 -2.37 9.65 -7.06
CA VAL A 15 -2.97 8.71 -8.03
C VAL A 15 -2.35 8.70 -9.45
N ASP A 16 -1.50 9.68 -9.78
CA ASP A 16 -0.67 9.67 -11.00
C ASP A 16 0.55 8.70 -10.95
N LYS A 17 0.98 8.23 -9.77
CA LYS A 17 2.12 7.30 -9.61
C LYS A 17 1.81 5.89 -10.13
N LYS A 18 2.88 5.15 -10.49
CA LYS A 18 2.83 3.77 -11.03
C LYS A 18 2.22 2.74 -10.07
N CYS A 19 2.30 3.01 -8.76
CA CYS A 19 1.57 2.28 -7.72
C CYS A 19 1.09 3.26 -6.65
N GLN A 20 0.07 2.83 -5.91
CA GLN A 20 -0.41 3.48 -4.70
C GLN A 20 -0.08 2.59 -3.50
N CYS A 21 1.20 2.23 -3.35
CA CYS A 21 1.75 1.37 -2.31
C CYS A 21 1.69 2.04 -0.91
N ASP A 22 0.51 2.52 -0.52
CA ASP A 22 0.24 3.39 0.63
C ASP A 22 -1.21 3.23 1.14
N GLU A 23 -1.49 3.79 2.32
CA GLU A 23 -2.70 3.65 3.15
C GLU A 23 -4.09 3.91 2.51
N LEU A 24 -4.18 4.47 1.30
CA LEU A 24 -5.42 4.95 0.68
C LEU A 24 -5.82 4.23 -0.61
N CYS A 25 -5.02 3.28 -1.12
CA CYS A 25 -5.27 2.72 -2.46
C CYS A 25 -6.51 1.84 -2.61
N SER A 26 -7.00 1.19 -1.55
CA SER A 26 -8.18 0.32 -1.60
C SER A 26 -9.46 1.08 -2.00
N TYR A 27 -9.51 2.38 -1.66
CA TYR A 27 -10.54 3.35 -2.05
C TYR A 27 -10.48 3.76 -3.55
N TYR A 28 -9.35 3.51 -4.25
CA TYR A 28 -9.14 3.83 -5.67
C TYR A 28 -8.94 2.60 -6.60
N GLN A 29 -8.67 1.42 -6.05
CA GLN A 29 -8.36 0.17 -6.77
C GLN A 29 -7.20 0.29 -7.79
N SER A 30 -6.24 1.18 -7.52
CA SER A 30 -5.08 1.53 -8.37
C SER A 30 -3.74 1.05 -7.78
N CYS A 31 -3.81 0.09 -6.85
CA CYS A 31 -2.70 -0.38 -6.03
C CYS A 31 -1.76 -1.40 -6.71
N CYS A 32 -0.72 -1.84 -5.97
CA CYS A 32 0.12 -2.98 -6.36
C CYS A 32 -0.74 -4.26 -6.51
N THR A 33 -0.22 -5.28 -7.19
CA THR A 33 -0.95 -6.51 -7.56
C THR A 33 -1.55 -7.28 -6.38
N ASP A 34 -0.96 -7.19 -5.17
CA ASP A 34 -1.30 -8.01 -4.00
C ASP A 34 -1.31 -7.23 -2.66
N TYR A 35 -1.68 -5.94 -2.67
CA TYR A 35 -1.66 -5.04 -1.50
C TYR A 35 -2.02 -5.68 -0.15
N THR A 36 -3.19 -6.33 -0.03
CA THR A 36 -3.69 -6.94 1.21
C THR A 36 -2.87 -8.12 1.75
N ALA A 37 -1.90 -8.63 0.99
CA ALA A 37 -0.96 -9.68 1.39
C ALA A 37 0.52 -9.26 1.35
N GLU A 38 0.91 -8.36 0.43
CA GLU A 38 2.31 -8.02 0.13
C GLU A 38 2.68 -6.55 0.33
N CYS A 39 1.72 -5.63 0.35
CA CYS A 39 1.98 -4.18 0.44
C CYS A 39 1.29 -3.50 1.64
N LYS A 40 0.56 -4.25 2.45
CA LYS A 40 -0.29 -3.72 3.51
C LYS A 40 0.50 -3.03 4.63
N PRO A 41 0.16 -1.77 4.96
CA PRO A 41 0.67 -1.08 6.16
C PRO A 41 0.40 -1.90 7.44
N GLN A 42 1.13 -1.62 8.53
CA GLN A 42 1.04 -2.36 9.79
C GLN A 42 -0.19 -1.98 10.65
N VAL A 43 -1.38 -1.97 10.04
CA VAL A 43 -2.71 -1.86 10.68
C VAL A 43 -3.63 -3.05 10.39
N THR A 44 -3.00 -4.11 9.86
CA THR A 44 -3.59 -5.40 9.44
C THR A 44 -2.51 -6.51 9.61
N ARG A 45 -1.76 -6.44 10.72
CA ARG A 45 -0.56 -7.23 11.01
C ARG A 45 -0.60 -7.83 12.42
N GLY A 46 0.01 -9.00 12.60
CA GLY A 46 0.10 -9.71 13.88
C GLY A 46 0.81 -11.07 13.80
N ASP A 47 0.82 -11.71 12.62
CA ASP A 47 1.47 -13.00 12.35
C ASP A 47 2.17 -12.98 10.97
N VAL A 48 3.02 -11.96 10.77
CA VAL A 48 3.76 -11.67 9.52
C VAL A 48 5.23 -11.34 9.88
N PHE A 49 6.17 -11.67 8.99
CA PHE A 49 7.62 -11.55 9.21
C PHE A 49 8.19 -10.10 9.18
N THR A 50 7.39 -9.11 8.79
CA THR A 50 7.80 -7.69 8.67
C THR A 50 8.20 -7.05 10.01
N MET A 51 8.87 -5.89 9.97
CA MET A 51 9.33 -5.11 11.14
C MET A 51 9.21 -3.60 10.90
N ASP A 1 3.68 -6.32 -16.45
CA ASP A 1 4.25 -5.39 -15.44
C ASP A 1 3.69 -5.69 -14.04
N GLN A 2 4.50 -5.52 -13.00
CA GLN A 2 4.15 -5.78 -11.59
C GLN A 2 4.89 -4.79 -10.67
N GLU A 3 4.24 -4.32 -9.60
CA GLU A 3 4.86 -3.44 -8.59
C GLU A 3 4.25 -3.63 -7.20
N SER A 4 5.13 -3.89 -6.23
CA SER A 4 4.82 -4.33 -4.87
C SER A 4 5.71 -3.62 -3.83
N CYS A 5 5.53 -3.97 -2.55
CA CYS A 5 6.09 -3.33 -1.34
C CYS A 5 7.60 -3.12 -1.31
N LYS A 6 8.38 -3.80 -2.15
CA LYS A 6 9.84 -3.85 -2.04
C LYS A 6 10.50 -2.49 -2.35
N GLY A 7 10.80 -1.74 -1.29
CA GLY A 7 11.24 -0.33 -1.36
C GLY A 7 10.12 0.63 -1.82
N ARG A 8 8.86 0.35 -1.47
CA ARG A 8 7.67 1.05 -2.02
C ARG A 8 6.49 1.25 -1.05
N CYS A 9 6.24 0.30 -0.14
CA CYS A 9 5.03 0.30 0.71
C CYS A 9 4.97 1.41 1.78
N THR A 10 3.73 1.74 2.15
CA THR A 10 3.29 2.81 3.07
C THR A 10 3.93 4.19 2.76
N GLU A 11 4.26 4.46 1.50
CA GLU A 11 5.00 5.67 1.09
C GLU A 11 4.19 6.98 1.10
N GLY A 12 2.85 6.88 1.06
CA GLY A 12 1.91 8.01 0.98
C GLY A 12 1.34 8.22 -0.43
N PHE A 13 0.07 8.63 -0.48
CA PHE A 13 -0.76 8.68 -1.69
C PHE A 13 -0.33 9.74 -2.70
N ASN A 14 -0.37 9.36 -3.99
CA ASN A 14 -0.26 10.20 -5.17
C ASN A 14 -0.72 9.36 -6.37
N VAL A 15 -1.96 9.59 -6.83
CA VAL A 15 -2.61 8.76 -7.86
C VAL A 15 -1.92 8.72 -9.23
N ASP A 16 -0.93 9.59 -9.47
CA ASP A 16 -0.03 9.53 -10.63
C ASP A 16 1.02 8.39 -10.57
N LYS A 17 1.31 7.85 -9.38
CA LYS A 17 2.27 6.75 -9.17
C LYS A 17 1.74 5.43 -9.73
N LYS A 18 2.66 4.56 -10.19
CA LYS A 18 2.36 3.27 -10.86
C LYS A 18 1.76 2.22 -9.92
N CYS A 19 1.83 2.46 -8.62
CA CYS A 19 1.12 1.72 -7.58
C CYS A 19 0.66 2.69 -6.48
N GLN A 20 -0.51 2.44 -5.91
CA GLN A 20 -0.94 3.12 -4.71
C GLN A 20 -0.54 2.20 -3.55
N CYS A 21 0.77 2.09 -3.36
CA CYS A 21 1.43 1.31 -2.31
C CYS A 21 1.26 2.00 -0.93
N ASP A 22 0.03 2.41 -0.59
CA ASP A 22 -0.30 3.27 0.56
C ASP A 22 -1.75 3.08 1.11
N GLU A 23 -2.08 3.85 2.15
CA GLU A 23 -3.33 3.76 2.93
C GLU A 23 -4.64 4.09 2.18
N LEU A 24 -4.60 4.72 1.00
CA LEU A 24 -5.79 5.26 0.30
C LEU A 24 -6.14 4.50 -0.99
N CYS A 25 -5.41 3.45 -1.35
CA CYS A 25 -5.63 2.75 -2.63
C CYS A 25 -7.04 2.19 -2.85
N SER A 26 -7.70 1.68 -1.80
CA SER A 26 -9.03 1.03 -1.87
C SER A 26 -10.19 1.99 -2.21
N TYR A 27 -9.91 3.29 -2.26
CA TYR A 27 -10.82 4.36 -2.70
C TYR A 27 -10.65 4.70 -4.21
N TYR A 28 -9.56 4.23 -4.86
CA TYR A 28 -9.27 4.41 -6.29
C TYR A 28 -9.13 3.11 -7.11
N GLN A 29 -8.95 1.96 -6.44
CA GLN A 29 -8.66 0.62 -7.01
C GLN A 29 -7.30 0.49 -7.74
N SER A 30 -6.47 1.54 -7.74
CA SER A 30 -5.13 1.63 -8.33
C SER A 30 -4.00 1.06 -7.44
N CYS A 31 -4.35 0.18 -6.49
CA CYS A 31 -3.46 -0.41 -5.51
C CYS A 31 -2.26 -1.20 -6.09
N CYS A 32 -1.21 -1.41 -5.28
CA CYS A 32 -0.10 -2.31 -5.62
C CYS A 32 -0.61 -3.74 -5.92
N THR A 33 0.15 -4.51 -6.71
CA THR A 33 -0.30 -5.82 -7.25
C THR A 33 -0.47 -6.93 -6.21
N ASP A 34 0.05 -6.74 -5.00
CA ASP A 34 0.15 -7.76 -3.94
C ASP A 34 -0.23 -7.21 -2.55
N TYR A 35 -0.89 -6.04 -2.50
CA TYR A 35 -1.16 -5.21 -1.31
C TYR A 35 -1.46 -5.97 -0.02
N THR A 36 -2.54 -6.75 0.04
CA THR A 36 -3.00 -7.38 1.30
C THR A 36 -2.09 -8.52 1.81
N ALA A 37 -1.04 -8.86 1.07
CA ALA A 37 0.01 -9.82 1.46
C ALA A 37 1.42 -9.20 1.53
N GLU A 38 1.66 -8.09 0.81
CA GLU A 38 2.96 -7.38 0.78
C GLU A 38 2.88 -5.92 1.24
N CYS A 39 2.13 -5.04 0.57
CA CYS A 39 2.20 -3.59 0.81
C CYS A 39 1.36 -3.09 1.99
N LYS A 40 0.56 -3.97 2.61
CA LYS A 40 -0.33 -3.74 3.75
C LYS A 40 0.29 -2.79 4.80
N PRO A 41 -0.22 -1.55 4.93
CA PRO A 41 0.14 -0.60 5.99
C PRO A 41 0.17 -1.20 7.40
N GLN A 42 1.05 -0.67 8.25
CA GLN A 42 1.18 -1.05 9.67
C GLN A 42 -0.13 -0.79 10.45
N VAL A 43 -0.45 -1.69 11.40
CA VAL A 43 -1.73 -1.71 12.14
C VAL A 43 -1.51 -1.86 13.66
N THR A 44 -0.59 -1.05 14.19
CA THR A 44 -0.37 -0.85 15.63
C THR A 44 -1.64 -0.39 16.37
N ARG A 45 -1.70 -0.62 17.69
CA ARG A 45 -2.86 -0.39 18.59
C ARG A 45 -3.51 1.01 18.53
N GLY A 46 -2.79 2.05 18.10
CA GLY A 46 -3.34 3.40 17.91
C GLY A 46 -3.13 4.35 19.10
N ASP A 47 -2.14 4.07 19.95
CA ASP A 47 -1.74 4.89 21.12
C ASP A 47 -0.34 5.52 20.95
N VAL A 48 0.21 5.43 19.73
CA VAL A 48 1.50 5.99 19.30
C VAL A 48 1.46 6.26 17.78
N PHE A 49 2.11 7.35 17.34
CA PHE A 49 2.02 7.86 15.97
C PHE A 49 3.38 8.34 15.40
N THR A 50 4.48 8.09 16.12
CA THR A 50 5.88 8.42 15.71
C THR A 50 6.47 7.43 14.68
N MET A 51 5.70 6.40 14.28
CA MET A 51 6.08 5.32 13.35
C MET A 51 4.94 4.98 12.38
N ASP A 1 13.37 -9.66 -13.83
CA ASP A 1 12.89 -9.22 -12.49
C ASP A 1 11.99 -7.98 -12.59
N GLN A 2 11.21 -7.72 -11.53
CA GLN A 2 10.26 -6.59 -11.43
C GLN A 2 10.27 -6.01 -9.99
N GLU A 3 9.82 -4.76 -9.83
CA GLU A 3 9.62 -4.15 -8.51
C GLU A 3 8.45 -4.75 -7.71
N SER A 4 8.47 -4.50 -6.41
CA SER A 4 7.39 -4.77 -5.44
C SER A 4 7.41 -3.69 -4.35
N CYS A 5 6.46 -3.75 -3.41
CA CYS A 5 6.39 -2.80 -2.29
C CYS A 5 7.51 -2.96 -1.24
N LYS A 6 8.32 -4.02 -1.30
CA LYS A 6 9.35 -4.31 -0.29
C LYS A 6 10.49 -3.29 -0.36
N GLY A 7 10.45 -2.33 0.58
CA GLY A 7 11.29 -1.13 0.61
C GLY A 7 10.57 0.18 0.21
N ARG A 8 9.24 0.16 0.02
CA ARG A 8 8.43 1.28 -0.49
C ARG A 8 7.16 1.58 0.32
N CYS A 9 6.44 0.57 0.84
CA CYS A 9 5.14 0.70 1.51
C CYS A 9 4.97 1.92 2.45
N THR A 10 3.76 2.48 2.44
CA THR A 10 3.35 3.77 3.04
C THR A 10 3.91 4.97 2.26
N GLU A 11 3.95 4.85 0.93
CA GLU A 11 4.39 5.91 -0.01
C GLU A 11 3.60 7.22 0.09
N GLY A 12 2.35 7.16 0.57
CA GLY A 12 1.39 8.26 0.52
C GLY A 12 0.74 8.37 -0.87
N PHE A 13 -0.45 8.95 -0.95
CA PHE A 13 -1.25 9.00 -2.17
C PHE A 13 -0.64 9.93 -3.24
N ASN A 14 -0.41 9.41 -4.44
CA ASN A 14 0.02 10.17 -5.63
C ASN A 14 -0.43 9.41 -6.90
N VAL A 15 -1.70 9.59 -7.27
CA VAL A 15 -2.40 8.81 -8.33
C VAL A 15 -1.76 8.81 -9.73
N ASP A 16 -0.80 9.69 -9.98
CA ASP A 16 0.06 9.70 -11.18
C ASP A 16 1.04 8.50 -11.26
N LYS A 17 1.38 7.88 -10.12
CA LYS A 17 2.47 6.89 -10.00
C LYS A 17 2.02 5.42 -10.11
N LYS A 18 2.97 4.54 -10.47
CA LYS A 18 2.73 3.13 -10.85
C LYS A 18 2.15 2.22 -9.75
N CYS A 19 2.37 2.55 -8.47
CA CYS A 19 1.69 1.89 -7.35
C CYS A 19 1.23 2.91 -6.31
N GLN A 20 -0.01 2.71 -5.85
CA GLN A 20 -0.58 3.41 -4.70
C GLN A 20 -0.37 2.50 -3.48
N CYS A 21 0.89 2.34 -3.12
CA CYS A 21 1.39 1.42 -2.09
C CYS A 21 1.20 2.08 -0.70
N ASP A 22 -0.02 2.54 -0.40
CA ASP A 22 -0.37 3.38 0.74
C ASP A 22 -1.80 3.16 1.28
N GLU A 23 -2.10 3.85 2.38
CA GLU A 23 -3.30 3.68 3.22
C GLU A 23 -4.66 3.95 2.53
N LEU A 24 -4.73 4.74 1.44
CA LEU A 24 -6.00 5.13 0.81
C LEU A 24 -6.33 4.33 -0.46
N CYS A 25 -5.47 3.40 -0.87
CA CYS A 25 -5.56 2.74 -2.19
C CYS A 25 -6.85 1.97 -2.52
N SER A 26 -7.61 1.54 -1.52
CA SER A 26 -8.91 0.88 -1.72
C SER A 26 -10.03 1.86 -2.16
N TYR A 27 -9.95 3.14 -1.80
CA TYR A 27 -10.93 4.18 -2.16
C TYR A 27 -10.92 4.56 -3.66
N TYR A 28 -9.77 4.43 -4.33
CA TYR A 28 -9.59 4.64 -5.78
C TYR A 28 -9.05 3.41 -6.54
N GLN A 29 -9.06 2.23 -5.91
CA GLN A 29 -8.75 0.90 -6.48
C GLN A 29 -7.47 0.81 -7.35
N SER A 30 -6.33 1.35 -6.86
CA SER A 30 -5.06 1.43 -7.62
C SER A 30 -3.82 0.92 -6.86
N CYS A 31 -4.03 0.06 -5.86
CA CYS A 31 -2.97 -0.57 -5.05
C CYS A 31 -1.98 -1.45 -5.86
N CYS A 32 -0.83 -1.81 -5.26
CA CYS A 32 0.12 -2.82 -5.77
C CYS A 32 -0.59 -4.14 -6.17
N THR A 33 0.04 -4.88 -7.09
CA THR A 33 -0.48 -6.13 -7.69
C THR A 33 -0.86 -7.24 -6.71
N ASP A 34 -0.34 -7.20 -5.48
CA ASP A 34 -0.68 -8.12 -4.38
C ASP A 34 -0.74 -7.40 -3.01
N TYR A 35 -1.21 -6.15 -3.01
CA TYR A 35 -1.29 -5.24 -1.85
C TYR A 35 -1.60 -5.91 -0.50
N THR A 36 -2.67 -6.70 -0.39
CA THR A 36 -3.14 -7.27 0.87
C THR A 36 -2.21 -8.34 1.47
N ALA A 37 -1.20 -8.81 0.72
CA ALA A 37 -0.21 -9.79 1.18
C ALA A 37 1.26 -9.27 1.10
N GLU A 38 1.59 -8.40 0.15
CA GLU A 38 2.96 -7.88 -0.06
C GLU A 38 3.17 -6.45 0.46
N CYS A 39 2.11 -5.65 0.63
CA CYS A 39 2.21 -4.23 0.97
C CYS A 39 1.51 -3.81 2.28
N LYS A 40 0.44 -4.54 2.66
CA LYS A 40 -0.54 -4.27 3.73
C LYS A 40 -0.08 -3.31 4.86
N PRO A 41 -0.35 -2.00 4.73
CA PRO A 41 -0.18 -1.00 5.79
C PRO A 41 -1.36 -1.06 6.77
N GLN A 42 -1.50 -0.07 7.65
CA GLN A 42 -2.70 0.11 8.49
C GLN A 42 -3.98 0.11 7.63
N VAL A 43 -5.01 -0.62 8.10
CA VAL A 43 -6.24 -0.92 7.34
C VAL A 43 -7.50 -0.74 8.23
N THR A 44 -7.45 0.26 9.11
CA THR A 44 -8.55 0.72 9.97
C THR A 44 -9.76 1.25 9.18
N ARG A 45 -10.91 1.35 9.85
CA ARG A 45 -12.21 1.82 9.29
C ARG A 45 -12.15 3.17 8.57
N GLY A 46 -13.09 3.39 7.65
CA GLY A 46 -13.22 4.63 6.88
C GLY A 46 -13.92 5.79 7.61
N ASP A 47 -14.40 5.58 8.84
CA ASP A 47 -15.06 6.59 9.69
C ASP A 47 -14.13 7.66 10.29
N VAL A 48 -12.85 7.60 9.94
CA VAL A 48 -11.76 8.49 10.36
C VAL A 48 -10.80 8.79 9.20
N PHE A 49 -10.03 9.88 9.30
CA PHE A 49 -9.07 10.33 8.28
C PHE A 49 -7.76 10.90 8.88
N THR A 50 -7.46 10.57 10.14
CA THR A 50 -6.23 10.97 10.86
C THR A 50 -4.99 10.41 10.16
N MET A 51 -4.10 11.30 9.68
CA MET A 51 -2.86 10.97 8.94
C MET A 51 -1.73 11.96 9.30
N ASP A 1 1.87 -2.23 -16.43
CA ASP A 1 3.07 -2.26 -15.54
C ASP A 1 2.76 -3.01 -14.23
N GLN A 2 3.78 -3.35 -13.44
CA GLN A 2 3.65 -4.07 -12.16
C GLN A 2 4.61 -3.47 -11.11
N GLU A 3 4.09 -3.20 -9.89
CA GLU A 3 4.83 -2.50 -8.83
C GLU A 3 4.22 -2.80 -7.44
N SER A 4 5.08 -2.88 -6.41
CA SER A 4 4.71 -3.34 -5.06
C SER A 4 5.65 -2.84 -3.94
N CYS A 5 5.36 -3.25 -2.71
CA CYS A 5 5.90 -2.81 -1.41
C CYS A 5 7.41 -2.63 -1.27
N LYS A 6 8.25 -3.33 -2.04
CA LYS A 6 9.70 -3.37 -1.76
C LYS A 6 10.36 -2.00 -2.04
N GLY A 7 10.59 -1.26 -0.95
CA GLY A 7 11.07 0.13 -0.91
C GLY A 7 9.98 1.20 -1.14
N ARG A 8 8.69 0.86 -1.04
CA ARG A 8 7.55 1.72 -1.45
C ARG A 8 6.31 1.72 -0.55
N CYS A 9 5.99 0.64 0.16
CA CYS A 9 4.81 0.58 1.06
C CYS A 9 4.78 1.65 2.18
N THR A 10 3.58 2.17 2.43
CA THR A 10 3.21 3.23 3.39
C THR A 10 3.93 4.59 3.13
N GLU A 11 4.26 4.87 1.86
CA GLU A 11 4.99 6.08 1.42
C GLU A 11 4.18 7.40 1.39
N GLY A 12 2.85 7.33 1.47
CA GLY A 12 1.93 8.44 1.23
C GLY A 12 1.44 8.41 -0.23
N PHE A 13 0.13 8.50 -0.41
CA PHE A 13 -0.54 8.26 -1.69
C PHE A 13 -0.27 9.32 -2.78
N ASN A 14 -0.09 8.84 -4.01
CA ASN A 14 -0.03 9.62 -5.24
C ASN A 14 -0.53 8.72 -6.40
N VAL A 15 -1.69 9.08 -6.98
CA VAL A 15 -2.38 8.27 -8.00
C VAL A 15 -1.69 8.28 -9.38
N ASP A 16 -0.66 9.10 -9.58
CA ASP A 16 0.17 9.13 -10.80
C ASP A 16 1.26 8.04 -10.85
N LYS A 17 1.61 7.42 -9.70
CA LYS A 17 2.58 6.30 -9.59
C LYS A 17 2.01 4.99 -10.20
N LYS A 18 2.84 3.96 -10.37
CA LYS A 18 2.42 2.65 -10.91
C LYS A 18 1.65 1.86 -9.85
N CYS A 19 2.23 1.71 -8.65
CA CYS A 19 1.51 1.22 -7.49
C CYS A 19 0.98 2.43 -6.72
N GLN A 20 -0.05 2.18 -5.94
CA GLN A 20 -0.55 3.11 -4.94
C GLN A 20 -0.30 2.39 -3.62
N CYS A 21 0.99 2.29 -3.28
CA CYS A 21 1.53 1.55 -2.15
C CYS A 21 1.19 2.21 -0.79
N ASP A 22 -0.02 2.77 -0.62
CA ASP A 22 -0.41 3.56 0.54
C ASP A 22 -1.93 3.46 0.86
N GLU A 23 -2.29 3.90 2.06
CA GLU A 23 -3.59 3.73 2.72
C GLU A 23 -4.84 4.07 1.89
N LEU A 24 -4.77 5.09 1.02
CA LEU A 24 -5.94 5.58 0.24
C LEU A 24 -6.26 4.74 -1.00
N CYS A 25 -5.39 3.82 -1.42
CA CYS A 25 -5.56 3.09 -2.69
C CYS A 25 -6.85 2.25 -2.77
N SER A 26 -7.37 1.78 -1.62
CA SER A 26 -8.56 0.94 -1.54
C SER A 26 -9.88 1.71 -1.77
N TYR A 27 -9.83 3.05 -1.78
CA TYR A 27 -10.91 3.94 -2.20
C TYR A 27 -10.82 4.24 -3.71
N TYR A 28 -9.60 4.50 -4.21
CA TYR A 28 -9.32 4.74 -5.64
C TYR A 28 -9.32 3.48 -6.53
N GLN A 29 -9.39 2.28 -5.95
CA GLN A 29 -9.30 0.97 -6.64
C GLN A 29 -7.99 0.82 -7.45
N SER A 30 -6.87 1.31 -6.90
CA SER A 30 -5.58 1.48 -7.60
C SER A 30 -4.37 0.79 -6.96
N CYS A 31 -4.57 0.00 -5.89
CA CYS A 31 -3.53 -0.63 -5.07
C CYS A 31 -2.48 -1.47 -5.85
N CYS A 32 -1.33 -1.68 -5.21
CA CYS A 32 -0.22 -2.56 -5.66
C CYS A 32 -0.64 -3.89 -6.31
N THR A 33 0.24 -4.45 -7.14
CA THR A 33 0.08 -5.77 -7.78
C THR A 33 -0.17 -6.92 -6.77
N ASP A 34 0.30 -6.79 -5.52
CA ASP A 34 0.14 -7.78 -4.43
C ASP A 34 -0.24 -7.14 -3.07
N TYR A 35 -0.86 -5.94 -3.07
CA TYR A 35 -1.12 -5.09 -1.89
C TYR A 35 -1.48 -5.83 -0.59
N THR A 36 -2.48 -6.71 -0.56
CA THR A 36 -2.92 -7.42 0.66
C THR A 36 -1.96 -8.49 1.20
N ALA A 37 -0.92 -8.85 0.44
CA ALA A 37 0.15 -9.77 0.86
C ALA A 37 1.53 -9.08 0.94
N GLU A 38 1.68 -7.87 0.37
CA GLU A 38 2.92 -7.09 0.36
C GLU A 38 2.75 -5.71 1.02
N CYS A 39 2.03 -4.76 0.39
CA CYS A 39 1.99 -3.36 0.82
C CYS A 39 1.17 -3.05 2.07
N LYS A 40 0.22 -3.92 2.42
CA LYS A 40 -0.81 -3.80 3.47
C LYS A 40 -0.39 -2.93 4.68
N PRO A 41 -0.73 -1.62 4.72
CA PRO A 41 -0.23 -0.62 5.67
C PRO A 41 -0.87 -0.71 7.08
N GLN A 42 -1.01 -1.93 7.61
CA GLN A 42 -1.51 -2.25 8.95
C GLN A 42 -0.72 -3.40 9.58
N VAL A 43 0.59 -3.44 9.29
CA VAL A 43 1.56 -4.49 9.62
C VAL A 43 2.84 -3.86 10.18
N THR A 44 3.42 -4.45 11.23
CA THR A 44 4.58 -3.91 11.97
C THR A 44 5.59 -4.99 12.38
N ARG A 45 5.66 -6.06 11.56
CA ARG A 45 6.50 -7.25 11.71
C ARG A 45 6.96 -7.77 10.33
N GLY A 46 7.98 -8.64 10.33
CA GLY A 46 8.43 -9.43 9.18
C GLY A 46 7.92 -10.88 9.22
N ASP A 47 6.94 -11.16 10.08
CA ASP A 47 6.40 -12.49 10.41
C ASP A 47 4.95 -12.38 10.90
N VAL A 48 4.10 -13.34 10.52
CA VAL A 48 2.64 -13.37 10.76
C VAL A 48 2.29 -13.28 12.26
N PHE A 49 1.20 -12.57 12.56
CA PHE A 49 0.66 -12.38 13.91
C PHE A 49 -0.90 -12.36 13.90
N THR A 50 -1.52 -12.21 15.06
CA THR A 50 -2.99 -12.22 15.25
C THR A 50 -3.72 -11.14 14.43
N MET A 51 -4.95 -11.47 14.00
CA MET A 51 -5.80 -10.66 13.12
C MET A 51 -7.31 -10.93 13.33
N ASP A 1 9.93 -6.57 -17.19
CA ASP A 1 10.79 -6.83 -16.01
C ASP A 1 9.94 -6.96 -14.75
N GLN A 2 10.32 -7.84 -13.82
CA GLN A 2 9.62 -8.04 -12.54
C GLN A 2 9.80 -6.83 -11.60
N GLU A 3 8.75 -6.50 -10.84
CA GLU A 3 8.71 -5.39 -9.87
C GLU A 3 7.63 -5.64 -8.80
N SER A 4 7.78 -4.99 -7.64
CA SER A 4 6.85 -5.05 -6.49
C SER A 4 6.90 -3.77 -5.65
N CYS A 5 6.10 -3.72 -4.58
CA CYS A 5 6.13 -2.66 -3.57
C CYS A 5 7.38 -2.67 -2.65
N LYS A 6 8.25 -3.69 -2.75
CA LYS A 6 9.31 -3.89 -1.74
C LYS A 6 10.31 -2.73 -1.72
N GLY A 7 10.58 -2.24 -0.51
CA GLY A 7 11.38 -1.04 -0.22
C GLY A 7 10.61 0.29 -0.27
N ARG A 8 9.30 0.31 -0.59
CA ARG A 8 8.52 1.54 -0.87
C ARG A 8 7.15 1.65 -0.19
N CYS A 9 6.55 0.53 0.22
CA CYS A 9 5.24 0.48 0.89
C CYS A 9 4.99 1.51 2.01
N THR A 10 3.74 1.99 2.08
CA THR A 10 3.23 3.03 3.00
C THR A 10 3.97 4.39 2.86
N GLU A 11 4.44 4.72 1.64
CA GLU A 11 5.03 6.03 1.33
C GLU A 11 4.03 7.22 1.36
N GLY A 12 2.73 6.94 1.24
CA GLY A 12 1.66 7.93 1.12
C GLY A 12 1.06 8.03 -0.30
N PHE A 13 -0.13 8.61 -0.39
CA PHE A 13 -0.90 8.72 -1.62
C PHE A 13 -0.30 9.69 -2.66
N ASN A 14 -0.27 9.27 -3.94
CA ASN A 14 0.06 10.09 -5.11
C ASN A 14 -0.45 9.42 -6.39
N VAL A 15 -1.69 9.73 -6.80
CA VAL A 15 -2.42 9.03 -7.88
C VAL A 15 -1.79 9.08 -9.28
N ASP A 16 -0.76 9.90 -9.49
CA ASP A 16 0.06 9.89 -10.72
C ASP A 16 0.94 8.62 -10.85
N LYS A 17 1.31 7.98 -9.72
CA LYS A 17 2.18 6.79 -9.70
C LYS A 17 1.45 5.50 -10.12
N LYS A 18 2.20 4.57 -10.73
CA LYS A 18 1.72 3.26 -11.24
C LYS A 18 1.23 2.30 -10.15
N CYS A 19 1.56 2.54 -8.88
CA CYS A 19 1.00 1.84 -7.72
C CYS A 19 0.68 2.83 -6.60
N GLN A 20 -0.54 2.71 -6.07
CA GLN A 20 -0.93 3.38 -4.83
C GLN A 20 -0.55 2.41 -3.71
N CYS A 21 0.75 2.34 -3.44
CA CYS A 21 1.35 1.42 -2.48
C CYS A 21 1.21 1.98 -1.05
N ASP A 22 0.00 2.44 -0.70
CA ASP A 22 -0.33 3.22 0.50
C ASP A 22 -1.78 3.03 1.00
N GLU A 23 -2.11 3.68 2.12
CA GLU A 23 -3.36 3.54 2.89
C GLU A 23 -4.67 3.90 2.17
N LEU A 24 -4.65 4.69 1.09
CA LEU A 24 -5.86 5.21 0.41
C LEU A 24 -6.15 4.53 -0.94
N CYS A 25 -5.36 3.51 -1.31
CA CYS A 25 -5.34 2.90 -2.63
C CYS A 25 -6.67 2.25 -3.09
N SER A 26 -7.43 1.65 -2.18
CA SER A 26 -8.66 0.90 -2.50
C SER A 26 -9.82 1.82 -2.89
N TYR A 27 -9.85 3.04 -2.36
CA TYR A 27 -10.74 4.14 -2.75
C TYR A 27 -10.49 4.61 -4.21
N TYR A 28 -9.34 4.28 -4.80
CA TYR A 28 -8.99 4.49 -6.21
C TYR A 28 -8.85 3.19 -7.03
N GLN A 29 -9.07 2.01 -6.40
CA GLN A 29 -8.85 0.68 -6.99
C GLN A 29 -7.48 0.52 -7.70
N SER A 30 -6.44 1.17 -7.17
CA SER A 30 -5.11 1.33 -7.82
C SER A 30 -3.93 0.83 -6.96
N CYS A 31 -4.23 -0.01 -5.97
CA CYS A 31 -3.23 -0.67 -5.11
C CYS A 31 -2.24 -1.58 -5.87
N CYS A 32 -1.08 -1.87 -5.29
CA CYS A 32 -0.15 -2.92 -5.77
C CYS A 32 -0.89 -4.26 -6.00
N THR A 33 -0.38 -5.05 -6.94
CA THR A 33 -0.98 -6.35 -7.36
C THR A 33 -1.17 -7.38 -6.23
N ASP A 34 -0.49 -7.18 -5.09
CA ASP A 34 -0.50 -8.04 -3.92
C ASP A 34 -0.62 -7.21 -2.61
N TYR A 35 -1.27 -6.04 -2.65
CA TYR A 35 -1.32 -5.06 -1.54
C TYR A 35 -1.57 -5.70 -0.16
N THR A 36 -2.61 -6.53 -0.01
CA THR A 36 -2.98 -7.20 1.26
C THR A 36 -1.97 -8.23 1.80
N ALA A 37 -0.96 -8.61 1.01
CA ALA A 37 0.07 -9.59 1.37
C ALA A 37 1.51 -9.02 1.35
N GLU A 38 1.79 -7.99 0.53
CA GLU A 38 3.13 -7.44 0.31
C GLU A 38 3.29 -5.96 0.68
N CYS A 39 2.19 -5.18 0.76
CA CYS A 39 2.24 -3.73 0.99
C CYS A 39 1.47 -3.27 2.26
N LYS A 40 0.61 -4.14 2.79
CA LYS A 40 -0.34 -3.86 3.88
C LYS A 40 0.34 -3.24 5.12
N PRO A 41 -0.09 -2.04 5.56
CA PRO A 41 0.28 -1.41 6.83
C PRO A 41 0.17 -2.33 8.06
N GLN A 42 0.76 -1.92 9.19
CA GLN A 42 0.79 -2.67 10.45
C GLN A 42 -0.62 -2.84 11.08
N VAL A 43 -1.32 -3.91 10.68
CA VAL A 43 -2.67 -4.29 11.12
C VAL A 43 -2.72 -5.82 11.30
N THR A 44 -2.86 -6.27 12.55
CA THR A 44 -2.77 -7.69 12.96
C THR A 44 -3.75 -8.03 14.09
N ARG A 45 -4.04 -9.32 14.28
CA ARG A 45 -4.89 -9.83 15.39
C ARG A 45 -4.21 -9.73 16.76
N GLY A 46 -2.89 -9.96 16.80
CA GLY A 46 -2.05 -9.90 18.03
C GLY A 46 -0.91 -10.92 18.07
N ASP A 47 -0.93 -11.94 17.20
CA ASP A 47 -0.03 -13.11 17.14
C ASP A 47 1.43 -12.81 16.70
N VAL A 48 1.95 -11.61 16.97
CA VAL A 48 3.25 -11.10 16.51
C VAL A 48 4.07 -10.62 17.73
N PHE A 49 4.86 -11.53 18.29
CA PHE A 49 5.60 -11.33 19.55
C PHE A 49 6.66 -10.22 19.51
N THR A 50 7.06 -9.77 18.31
CA THR A 50 8.09 -8.74 18.09
C THR A 50 7.57 -7.29 18.16
N MET A 51 6.25 -7.07 18.28
CA MET A 51 5.63 -5.74 18.46
C MET A 51 6.15 -5.02 19.73
N ASP A 1 9.62 -5.78 -16.37
CA ASP A 1 9.70 -4.84 -15.23
C ASP A 1 8.55 -5.09 -14.25
N GLN A 2 8.86 -5.22 -12.95
CA GLN A 2 7.89 -5.48 -11.86
C GLN A 2 8.28 -4.72 -10.58
N GLU A 3 7.30 -4.53 -9.67
CA GLU A 3 7.46 -3.79 -8.41
C GLU A 3 6.69 -4.46 -7.25
N SER A 4 6.98 -4.04 -6.01
CA SER A 4 6.42 -4.60 -4.77
C SER A 4 6.38 -3.56 -3.64
N CYS A 5 5.90 -3.97 -2.45
CA CYS A 5 5.97 -3.20 -1.20
C CYS A 5 7.38 -2.67 -0.88
N LYS A 6 8.45 -3.36 -1.28
CA LYS A 6 9.81 -3.03 -0.83
C LYS A 6 10.29 -1.71 -1.43
N GLY A 7 10.57 -0.75 -0.55
CA GLY A 7 10.89 0.64 -0.90
C GLY A 7 9.69 1.51 -1.33
N ARG A 8 8.45 1.03 -1.16
CA ARG A 8 7.20 1.73 -1.59
C ARG A 8 6.07 1.75 -0.57
N CYS A 9 5.94 0.74 0.30
CA CYS A 9 4.96 0.72 1.38
C CYS A 9 4.93 2.03 2.20
N THR A 10 3.74 2.62 2.30
CA THR A 10 3.44 3.87 3.05
C THR A 10 4.17 5.10 2.48
N GLU A 11 4.46 5.12 1.17
CA GLU A 11 5.12 6.25 0.48
C GLU A 11 4.32 7.57 0.42
N GLY A 12 3.02 7.51 0.71
CA GLY A 12 2.06 8.61 0.56
C GLY A 12 1.36 8.60 -0.80
N PHE A 13 0.05 8.82 -0.79
CA PHE A 13 -0.81 8.76 -1.97
C PHE A 13 -0.54 9.91 -2.95
N ASN A 14 -0.48 9.56 -4.24
CA ASN A 14 -0.44 10.46 -5.39
C ASN A 14 -0.83 9.62 -6.61
N VAL A 15 -2.08 9.74 -7.08
CA VAL A 15 -2.67 8.85 -8.10
C VAL A 15 -1.96 8.85 -9.47
N ASP A 16 -0.99 9.75 -9.69
CA ASP A 16 -0.07 9.74 -10.84
C ASP A 16 0.99 8.61 -10.78
N LYS A 17 1.32 8.09 -9.59
CA LYS A 17 2.34 7.04 -9.37
C LYS A 17 1.88 5.67 -9.93
N LYS A 18 2.83 4.87 -10.42
CA LYS A 18 2.58 3.52 -10.98
C LYS A 18 2.03 2.51 -9.96
N CYS A 19 2.33 2.69 -8.68
CA CYS A 19 1.71 1.96 -7.57
C CYS A 19 1.22 2.94 -6.51
N GLN A 20 -0.02 2.73 -6.04
CA GLN A 20 -0.55 3.41 -4.87
C GLN A 20 -0.24 2.49 -3.67
N CYS A 21 1.05 2.33 -3.35
CA CYS A 21 1.52 1.45 -2.29
C CYS A 21 1.32 2.11 -0.90
N ASP A 22 0.15 2.73 -0.68
CA ASP A 22 -0.16 3.60 0.45
C ASP A 22 -1.60 3.45 0.99
N GLU A 23 -1.83 3.97 2.20
CA GLU A 23 -3.02 3.80 3.06
C GLU A 23 -4.41 4.19 2.46
N LEU A 24 -4.46 4.89 1.32
CA LEU A 24 -5.68 5.35 0.65
C LEU A 24 -5.99 4.62 -0.67
N CYS A 25 -5.14 3.70 -1.11
CA CYS A 25 -5.24 3.09 -2.44
C CYS A 25 -6.48 2.21 -2.66
N SER A 26 -7.00 1.56 -1.62
CA SER A 26 -8.12 0.62 -1.74
C SER A 26 -9.44 1.33 -2.09
N TYR A 27 -9.56 2.61 -1.70
CA TYR A 27 -10.63 3.54 -2.11
C TYR A 27 -10.56 3.91 -3.62
N TYR A 28 -9.41 3.72 -4.27
CA TYR A 28 -9.19 3.88 -5.72
C TYR A 28 -9.01 2.55 -6.49
N GLN A 29 -8.93 1.41 -5.78
CA GLN A 29 -8.64 0.07 -6.31
C GLN A 29 -7.36 0.00 -7.19
N SER A 30 -6.32 0.76 -6.83
CA SER A 30 -5.10 1.01 -7.64
C SER A 30 -3.78 0.70 -6.90
N CYS A 31 -3.86 -0.06 -5.82
CA CYS A 31 -2.73 -0.54 -5.01
C CYS A 31 -1.74 -1.46 -5.78
N CYS A 32 -0.59 -1.78 -5.19
CA CYS A 32 0.34 -2.81 -5.68
C CYS A 32 -0.37 -4.13 -6.06
N THR A 33 0.22 -4.86 -7.01
CA THR A 33 -0.30 -6.12 -7.59
C THR A 33 -0.73 -7.18 -6.56
N ASP A 34 -0.13 -7.17 -5.38
CA ASP A 34 -0.42 -8.09 -4.26
C ASP A 34 -0.66 -7.36 -2.92
N TYR A 35 -0.97 -6.05 -2.93
CA TYR A 35 -1.19 -5.18 -1.76
C TYR A 35 -1.81 -5.87 -0.53
N THR A 36 -2.99 -6.46 -0.66
CA THR A 36 -3.75 -7.02 0.47
C THR A 36 -3.10 -8.23 1.17
N ALA A 37 -2.02 -8.78 0.59
CA ALA A 37 -1.20 -9.84 1.19
C ALA A 37 0.28 -9.46 1.39
N GLU A 38 0.83 -8.55 0.57
CA GLU A 38 2.27 -8.24 0.52
C GLU A 38 2.65 -6.79 0.83
N CYS A 39 1.71 -5.83 0.76
CA CYS A 39 1.95 -4.41 1.11
C CYS A 39 1.05 -3.88 2.25
N LYS A 40 0.04 -4.64 2.69
CA LYS A 40 -1.05 -4.25 3.60
C LYS A 40 -0.59 -3.49 4.88
N PRO A 41 -0.86 -2.17 4.99
CA PRO A 41 -0.67 -1.38 6.20
C PRO A 41 -1.88 -1.55 7.15
N GLN A 42 -1.90 -0.80 8.27
CA GLN A 42 -2.94 -0.75 9.33
C GLN A 42 -3.78 -2.05 9.48
N VAL A 43 -3.12 -3.13 9.92
CA VAL A 43 -3.69 -4.50 9.99
C VAL A 43 -5.09 -4.57 10.61
N THR A 44 -5.98 -5.30 9.95
CA THR A 44 -7.40 -5.49 10.30
C THR A 44 -7.59 -6.48 11.47
N ARG A 45 -7.08 -6.10 12.65
CA ARG A 45 -7.06 -6.92 13.89
C ARG A 45 -8.41 -7.53 14.28
N GLY A 46 -9.50 -6.76 14.10
CA GLY A 46 -10.88 -7.13 14.47
C GLY A 46 -11.65 -5.97 15.12
N ASP A 47 -10.93 -5.07 15.81
CA ASP A 47 -11.45 -3.83 16.41
C ASP A 47 -10.57 -2.60 16.07
N VAL A 48 -9.68 -2.77 15.07
CA VAL A 48 -8.82 -1.76 14.46
C VAL A 48 -8.78 -2.04 12.95
N PHE A 49 -8.94 -1.00 12.13
CA PHE A 49 -9.00 -1.09 10.66
C PHE A 49 -8.64 0.22 9.94
N THR A 50 -8.89 1.38 10.56
CA THR A 50 -8.54 2.72 10.05
C THR A 50 -8.08 3.62 11.20
N MET A 51 -6.96 4.33 11.00
CA MET A 51 -6.29 5.24 11.94
C MET A 51 -5.73 6.47 11.21
#